data_2K57
#
_entry.id   2K57
#
_cell.length_a   1.000
_cell.length_b   1.000
_cell.length_c   1.000
_cell.angle_alpha   90.00
_cell.angle_beta   90.00
_cell.angle_gamma   90.00
#
_symmetry.space_group_name_H-M   'P 1'
#
_entity_poly.entity_id   1
_entity_poly.type   'polypeptide(L)'
_entity_poly.pdbx_seq_one_letter_code
;MASPTVITLNDGREIQAVDTPKYDEESGFYEFKQLDGKQTRINKDQVRTVKDLLEHHHHHH
;
_entity_poly.pdbx_strand_id   A
#
# COMPACT_ATOMS: atom_id res chain seq x y z
N MET A 1 11.37 6.78 7.16
CA MET A 1 12.02 5.55 6.67
C MET A 1 11.47 5.12 5.31
N ALA A 2 12.33 4.59 4.44
CA ALA A 2 11.93 4.17 3.10
C ALA A 2 12.26 2.69 2.85
N SER A 3 11.28 1.94 2.37
CA SER A 3 11.45 0.51 2.08
C SER A 3 10.42 0.06 1.03
N PRO A 4 10.84 -0.77 0.05
CA PRO A 4 9.94 -1.21 -1.02
C PRO A 4 8.89 -2.23 -0.55
N THR A 5 7.62 -1.85 -0.60
CA THR A 5 6.50 -2.71 -0.15
C THR A 5 5.44 -2.88 -1.25
N VAL A 6 5.17 -4.13 -1.63
CA VAL A 6 4.16 -4.41 -2.67
C VAL A 6 2.82 -4.81 -2.05
N ILE A 7 1.80 -3.98 -2.26
CA ILE A 7 0.45 -4.25 -1.75
C ILE A 7 -0.41 -4.95 -2.81
N THR A 8 -0.84 -6.16 -2.50
CA THR A 8 -1.67 -6.95 -3.43
C THR A 8 -3.16 -6.84 -3.06
N LEU A 9 -3.99 -6.41 -4.00
CA LEU A 9 -5.42 -6.19 -3.74
C LEU A 9 -6.24 -7.49 -3.86
N ASN A 10 -7.52 -7.38 -3.53
CA ASN A 10 -8.45 -8.53 -3.52
C ASN A 10 -8.48 -9.28 -4.86
N ASP A 11 -8.51 -8.54 -5.97
CA ASP A 11 -8.56 -9.15 -7.30
C ASP A 11 -7.19 -9.70 -7.72
N GLY A 12 -6.13 -9.15 -7.13
CA GLY A 12 -4.76 -9.54 -7.49
C GLY A 12 -3.91 -8.37 -8.00
N ARG A 13 -4.55 -7.21 -8.18
CA ARG A 13 -3.82 -5.99 -8.59
C ARG A 13 -2.75 -5.62 -7.56
N GLU A 14 -1.48 -5.66 -7.97
CA GLU A 14 -0.36 -5.34 -7.06
C GLU A 14 0.24 -3.97 -7.35
N ILE A 15 0.40 -3.16 -6.30
CA ILE A 15 1.04 -1.85 -6.42
C ILE A 15 2.26 -1.75 -5.50
N GLN A 16 3.38 -1.28 -6.05
CA GLN A 16 4.64 -1.20 -5.29
C GLN A 16 4.89 0.22 -4.74
N ALA A 17 5.11 0.30 -3.43
CA ALA A 17 5.37 1.58 -2.75
C ALA A 17 6.85 1.73 -2.38
N VAL A 18 7.32 2.98 -2.33
CA VAL A 18 8.73 3.26 -1.96
C VAL A 18 8.92 3.37 -0.44
N ASP A 19 7.81 3.54 0.28
CA ASP A 19 7.83 3.53 1.75
C ASP A 19 6.58 2.84 2.31
N THR A 20 6.52 2.69 3.63
CA THR A 20 5.49 1.86 4.28
C THR A 20 4.13 2.58 4.35
N PRO A 21 3.02 1.83 4.16
CA PRO A 21 1.66 2.41 4.12
C PRO A 21 1.08 2.79 5.50
N LYS A 22 0.11 3.70 5.50
CA LYS A 22 -0.57 4.14 6.72
C LYS A 22 -2.07 3.78 6.67
N TYR A 23 -2.53 3.03 7.67
CA TYR A 23 -3.96 2.75 7.82
C TYR A 23 -4.66 3.93 8.52
N ASP A 24 -5.55 4.60 7.80
CA ASP A 24 -6.22 5.80 8.30
C ASP A 24 -7.61 5.48 8.86
N GLU A 25 -7.73 5.49 10.19
CA GLU A 25 -9.00 5.19 10.88
C GLU A 25 -10.10 6.19 10.52
N GLU A 26 -9.71 7.42 10.19
CA GLU A 26 -10.66 8.50 9.90
C GLU A 26 -11.46 8.22 8.62
N SER A 27 -10.77 7.97 7.52
CA SER A 27 -11.42 7.74 6.22
C SER A 27 -11.59 6.25 5.91
N GLY A 28 -10.83 5.40 6.62
CA GLY A 28 -10.93 3.96 6.44
C GLY A 28 -10.07 3.41 5.29
N PHE A 29 -9.18 4.25 4.75
CA PHE A 29 -8.33 3.84 3.62
C PHE A 29 -6.90 3.49 4.06
N TYR A 30 -6.17 2.83 3.17
CA TYR A 30 -4.73 2.65 3.30
C TYR A 30 -3.98 3.64 2.41
N GLU A 31 -3.13 4.46 3.00
CA GLU A 31 -2.36 5.45 2.27
C GLU A 31 -0.94 4.94 1.98
N PHE A 32 -0.58 4.85 0.70
CA PHE A 32 0.76 4.37 0.32
C PHE A 32 1.32 5.17 -0.86
N LYS A 33 2.63 5.38 -0.84
CA LYS A 33 3.31 6.17 -1.86
C LYS A 33 3.89 5.29 -2.96
N GLN A 34 3.31 5.38 -4.17
CA GLN A 34 3.72 4.57 -5.33
C GLN A 34 5.19 4.81 -5.72
N LEU A 35 5.71 3.96 -6.61
CA LEU A 35 7.09 4.10 -7.10
C LEU A 35 7.39 5.50 -7.66
N ASP A 36 6.37 6.16 -8.21
CA ASP A 36 6.55 7.50 -8.80
C ASP A 36 6.74 8.57 -7.72
N GLY A 37 6.47 8.21 -6.46
CA GLY A 37 6.46 9.18 -5.38
C GLY A 37 5.08 9.81 -5.16
N LYS A 38 4.05 9.21 -5.78
CA LYS A 38 2.68 9.71 -5.65
C LYS A 38 1.89 8.95 -4.57
N GLN A 39 1.33 9.68 -3.61
CA GLN A 39 0.50 9.08 -2.57
C GLN A 39 -0.91 8.77 -3.09
N THR A 40 -1.36 7.54 -2.89
CA THR A 40 -2.73 7.14 -3.23
C THR A 40 -3.40 6.39 -2.07
N ARG A 41 -4.73 6.28 -2.12
CA ARG A 41 -5.50 5.70 -1.01
C ARG A 41 -6.59 4.74 -1.51
N ILE A 42 -6.66 3.55 -0.92
CA ILE A 42 -7.68 2.56 -1.28
C ILE A 42 -8.32 1.95 -0.03
N ASN A 43 -9.59 1.52 -0.13
CA ASN A 43 -10.37 1.07 1.02
C ASN A 43 -9.74 -0.15 1.72
N LYS A 44 -9.93 -0.21 3.04
CA LYS A 44 -9.33 -1.25 3.91
C LYS A 44 -9.68 -2.69 3.49
N ASP A 45 -10.79 -2.89 2.78
CA ASP A 45 -11.23 -4.24 2.40
C ASP A 45 -10.60 -4.72 1.09
N GLN A 46 -10.06 -3.79 0.30
CA GLN A 46 -9.47 -4.10 -1.00
C GLN A 46 -8.07 -4.72 -0.88
N VAL A 47 -7.42 -4.55 0.27
CA VAL A 47 -6.06 -5.04 0.47
C VAL A 47 -6.04 -6.53 0.90
N ARG A 48 -5.47 -7.38 0.04
CA ARG A 48 -5.32 -8.81 0.34
C ARG A 48 -4.07 -9.08 1.20
N THR A 49 -2.90 -8.77 0.66
CA THR A 49 -1.62 -9.02 1.35
C THR A 49 -0.70 -7.80 1.30
N VAL A 50 -0.05 -7.51 2.43
CA VAL A 50 0.95 -6.44 2.51
C VAL A 50 2.35 -7.04 2.77
N LYS A 51 3.19 -7.04 1.74
CA LYS A 51 4.52 -7.64 1.83
C LYS A 51 5.61 -6.76 1.22
N ASP A 52 6.82 -6.85 1.77
CA ASP A 52 7.97 -6.13 1.26
C ASP A 52 8.59 -6.85 0.06
N LEU A 53 9.42 -6.15 -0.70
CA LEU A 53 10.22 -6.79 -1.76
C LEU A 53 11.46 -7.46 -1.16
N LEU A 54 11.63 -7.29 0.15
CA LEU A 54 12.79 -7.81 0.88
C LEU A 54 12.50 -9.16 1.57
N GLU A 55 11.45 -9.85 1.10
CA GLU A 55 11.03 -11.14 1.67
C GLU A 55 12.18 -12.19 1.68
N MET A 1 13.42 7.50 6.51
CA MET A 1 13.07 6.08 6.80
C MET A 1 11.90 5.62 5.91
N ALA A 2 12.06 4.43 5.30
CA ALA A 2 11.04 3.87 4.41
C ALA A 2 11.38 2.43 4.01
N SER A 3 10.55 1.84 3.15
CA SER A 3 10.75 0.47 2.67
C SER A 3 9.95 0.22 1.39
N PRO A 4 10.50 -0.57 0.44
CA PRO A 4 9.76 -0.93 -0.79
C PRO A 4 8.65 -1.95 -0.49
N THR A 5 7.40 -1.53 -0.68
CA THR A 5 6.25 -2.37 -0.33
C THR A 5 5.47 -2.80 -1.58
N VAL A 6 4.88 -4.00 -1.51
CA VAL A 6 3.97 -4.48 -2.56
C VAL A 6 2.58 -4.76 -1.97
N ILE A 7 1.61 -3.96 -2.38
CA ILE A 7 0.24 -4.11 -1.89
C ILE A 7 -0.56 -5.05 -2.79
N THR A 8 -0.80 -6.26 -2.30
CA THR A 8 -1.58 -7.26 -3.04
C THR A 8 -3.08 -7.06 -2.84
N LEU A 9 -3.76 -6.58 -3.87
CA LEU A 9 -5.22 -6.42 -3.84
C LEU A 9 -5.92 -7.76 -4.04
N ASN A 10 -7.14 -7.90 -3.51
CA ASN A 10 -7.88 -9.17 -3.60
C ASN A 10 -8.26 -9.49 -5.06
N ASP A 11 -8.15 -8.50 -5.95
CA ASP A 11 -8.36 -8.72 -7.39
C ASP A 11 -7.16 -9.42 -8.04
N GLY A 12 -6.07 -9.58 -7.28
CA GLY A 12 -4.84 -10.16 -7.84
C GLY A 12 -3.89 -9.08 -8.37
N ARG A 13 -4.27 -7.83 -8.21
CA ARG A 13 -3.47 -6.69 -8.67
C ARG A 13 -2.46 -6.27 -7.59
N GLU A 14 -1.21 -6.07 -7.99
CA GLU A 14 -0.15 -5.67 -7.05
C GLU A 14 0.32 -4.23 -7.29
N ILE A 15 0.36 -3.44 -6.22
CA ILE A 15 0.82 -2.04 -6.29
C ILE A 15 2.18 -1.86 -5.61
N GLN A 16 3.13 -1.25 -6.31
CA GLN A 16 4.49 -1.08 -5.77
C GLN A 16 4.69 0.33 -5.17
N ALA A 17 5.14 0.37 -3.91
CA ALA A 17 5.34 1.63 -3.19
C ALA A 17 6.77 1.77 -2.64
N VAL A 18 7.24 3.00 -2.52
CA VAL A 18 8.56 3.31 -1.94
C VAL A 18 8.46 3.65 -0.44
N ASP A 19 7.26 3.51 0.11
CA ASP A 19 7.01 3.85 1.52
C ASP A 19 5.98 2.87 2.11
N THR A 20 5.93 2.78 3.44
CA THR A 20 5.07 1.79 4.12
C THR A 20 3.61 2.26 4.19
N PRO A 21 2.66 1.42 3.73
CA PRO A 21 1.23 1.76 3.73
C PRO A 21 0.66 1.95 5.15
N LYS A 22 0.27 3.19 5.47
CA LYS A 22 -0.35 3.52 6.75
C LYS A 22 -1.86 3.30 6.73
N TYR A 23 -2.38 2.52 7.68
CA TYR A 23 -3.82 2.36 7.82
C TYR A 23 -4.41 3.54 8.61
N ASP A 24 -5.42 4.18 8.04
CA ASP A 24 -6.06 5.31 8.69
C ASP A 24 -7.52 4.97 9.06
N GLU A 25 -7.74 4.60 10.32
CA GLU A 25 -9.08 4.23 10.82
C GLU A 25 -10.10 5.37 10.63
N GLU A 26 -9.61 6.62 10.61
CA GLU A 26 -10.48 7.79 10.51
C GLU A 26 -11.14 7.89 9.13
N SER A 27 -10.35 7.73 8.07
CA SER A 27 -10.87 7.77 6.70
C SER A 27 -11.30 6.37 6.21
N GLY A 28 -10.67 5.34 6.76
CA GLY A 28 -10.93 3.96 6.34
C GLY A 28 -10.07 3.52 5.16
N PHE A 29 -9.06 4.32 4.81
CA PHE A 29 -8.19 4.03 3.66
C PHE A 29 -6.75 3.73 4.09
N TYR A 30 -5.96 3.18 3.16
CA TYR A 30 -4.51 3.01 3.34
C TYR A 30 -3.74 4.10 2.58
N GLU A 31 -2.82 4.76 3.27
CA GLU A 31 -1.98 5.81 2.67
C GLU A 31 -0.61 5.26 2.30
N PHE A 32 -0.26 5.32 1.01
CA PHE A 32 1.02 4.79 0.53
C PHE A 32 1.57 5.61 -0.65
N LYS A 33 2.90 5.60 -0.82
CA LYS A 33 3.55 6.35 -1.89
C LYS A 33 4.12 5.40 -2.95
N GLN A 34 3.50 5.38 -4.14
CA GLN A 34 3.91 4.50 -5.25
C GLN A 34 5.35 4.79 -5.71
N LEU A 35 5.88 3.88 -6.54
CA LEU A 35 7.22 4.06 -7.15
C LEU A 35 7.35 5.40 -7.89
N ASP A 36 6.24 5.85 -8.47
CA ASP A 36 6.22 7.11 -9.24
C ASP A 36 6.32 8.34 -8.32
N GLY A 37 6.17 8.15 -7.01
CA GLY A 37 6.20 9.26 -6.07
C GLY A 37 4.79 9.72 -5.65
N LYS A 38 3.78 9.21 -6.34
CA LYS A 38 2.38 9.54 -6.03
C LYS A 38 1.92 8.85 -4.73
N GLN A 39 1.67 9.63 -3.69
CA GLN A 39 1.09 9.09 -2.44
C GLN A 39 -0.44 9.11 -2.51
N THR A 40 -1.04 7.93 -2.68
CA THR A 40 -2.48 7.81 -2.89
C THR A 40 -3.12 6.88 -1.84
N ARG A 41 -4.45 6.89 -1.77
CA ARG A 41 -5.18 6.12 -0.76
C ARG A 41 -6.18 5.15 -1.40
N ILE A 42 -6.23 3.92 -0.87
CA ILE A 42 -7.17 2.90 -1.35
C ILE A 42 -7.98 2.29 -0.19
N ASN A 43 -9.21 1.84 -0.46
CA ASN A 43 -10.10 1.33 0.59
C ASN A 43 -9.55 0.05 1.22
N LYS A 44 -9.71 -0.06 2.55
CA LYS A 44 -9.12 -1.15 3.33
C LYS A 44 -9.63 -2.56 2.95
N ASP A 45 -10.73 -2.63 2.21
CA ASP A 45 -11.30 -3.93 1.84
C ASP A 45 -10.62 -4.52 0.59
N GLN A 46 -10.00 -3.66 -0.21
CA GLN A 46 -9.34 -4.11 -1.46
C GLN A 46 -7.97 -4.75 -1.18
N VAL A 47 -7.31 -4.36 -0.10
CA VAL A 47 -5.99 -4.89 0.24
C VAL A 47 -6.08 -6.32 0.84
N ARG A 48 -5.47 -7.27 0.14
CA ARG A 48 -5.41 -8.67 0.62
C ARG A 48 -4.28 -8.85 1.65
N THR A 49 -3.03 -8.67 1.20
CA THR A 49 -1.85 -8.83 2.07
C THR A 49 -0.92 -7.61 2.01
N VAL A 50 -0.45 -7.17 3.17
CA VAL A 50 0.50 -6.04 3.25
C VAL A 50 1.94 -6.54 3.49
N LYS A 51 2.72 -6.66 2.42
CA LYS A 51 4.09 -7.14 2.53
C LYS A 51 5.08 -6.29 1.72
N ASP A 52 6.35 -6.34 2.13
CA ASP A 52 7.40 -5.61 1.42
C ASP A 52 8.04 -6.49 0.33
N LEU A 53 8.72 -5.85 -0.60
CA LEU A 53 9.54 -6.55 -1.58
C LEU A 53 10.78 -7.15 -0.89
N LEU A 54 11.19 -6.50 0.20
CA LEU A 54 12.32 -6.96 1.02
C LEU A 54 11.92 -7.15 2.48
N GLU A 55 11.53 -8.37 2.85
CA GLU A 55 11.16 -8.68 4.24
C GLU A 55 12.28 -9.46 4.95
N MET A 1 15.07 1.01 7.46
CA MET A 1 13.60 1.19 7.45
C MET A 1 13.14 1.94 6.19
N ALA A 2 11.83 2.08 6.01
CA ALA A 2 11.27 2.67 4.80
C ALA A 2 11.66 1.83 3.57
N SER A 3 11.23 0.57 3.57
CA SER A 3 11.54 -0.37 2.48
C SER A 3 10.47 -0.31 1.39
N PRO A 4 10.81 -0.66 0.13
CA PRO A 4 9.82 -0.74 -0.96
C PRO A 4 8.76 -1.84 -0.67
N THR A 5 7.51 -1.43 -0.49
CA THR A 5 6.44 -2.36 -0.10
C THR A 5 5.47 -2.62 -1.27
N VAL A 6 5.16 -3.90 -1.50
CA VAL A 6 4.18 -4.29 -2.53
C VAL A 6 2.85 -4.74 -1.89
N ILE A 7 1.76 -4.16 -2.34
CA ILE A 7 0.42 -4.49 -1.81
C ILE A 7 -0.36 -5.38 -2.78
N THR A 8 -0.66 -6.61 -2.35
CA THR A 8 -1.48 -7.53 -3.13
C THR A 8 -2.96 -7.32 -2.81
N LEU A 9 -3.78 -7.03 -3.83
CA LEU A 9 -5.20 -6.73 -3.63
C LEU A 9 -6.09 -7.98 -3.73
N ASN A 10 -7.29 -7.88 -3.16
CA ASN A 10 -8.28 -8.95 -3.19
C ASN A 10 -8.59 -9.36 -4.65
N ASP A 11 -8.57 -8.37 -5.53
CA ASP A 11 -8.79 -8.58 -6.96
C ASP A 11 -7.66 -9.42 -7.59
N GLY A 12 -6.45 -9.28 -7.05
CA GLY A 12 -5.27 -9.94 -7.62
C GLY A 12 -4.19 -8.94 -8.03
N ARG A 13 -4.59 -7.69 -8.29
CA ARG A 13 -3.63 -6.64 -8.70
C ARG A 13 -2.62 -6.32 -7.59
N GLU A 14 -1.37 -6.04 -7.97
CA GLU A 14 -0.33 -5.65 -7.02
C GLU A 14 0.15 -4.22 -7.27
N ILE A 15 0.19 -3.40 -6.22
CA ILE A 15 0.66 -2.01 -6.32
C ILE A 15 1.98 -1.83 -5.53
N GLN A 16 2.99 -1.27 -6.18
CA GLN A 16 4.31 -1.08 -5.55
C GLN A 16 4.47 0.32 -4.95
N ALA A 17 5.01 0.37 -3.73
CA ALA A 17 5.27 1.62 -3.02
C ALA A 17 6.71 1.71 -2.52
N VAL A 18 7.21 2.93 -2.29
CA VAL A 18 8.59 3.13 -1.83
C VAL A 18 8.71 2.98 -0.31
N ASP A 19 7.58 3.04 0.40
CA ASP A 19 7.54 2.83 1.85
C ASP A 19 6.25 2.09 2.27
N THR A 20 6.14 1.75 3.55
CA THR A 20 5.01 0.94 4.04
C THR A 20 3.73 1.78 4.21
N PRO A 21 2.58 1.29 3.69
CA PRO A 21 1.32 2.04 3.69
C PRO A 21 0.80 2.43 5.08
N LYS A 22 0.39 3.69 5.22
CA LYS A 22 -0.22 4.18 6.46
C LYS A 22 -1.74 3.96 6.45
N TYR A 23 -2.25 3.14 7.37
CA TYR A 23 -3.69 2.92 7.47
C TYR A 23 -4.36 4.06 8.25
N ASP A 24 -5.20 4.83 7.55
CA ASP A 24 -5.90 5.94 8.18
C ASP A 24 -7.32 5.51 8.57
N GLU A 25 -7.48 5.11 9.83
CA GLU A 25 -8.75 4.57 10.33
C GLU A 25 -9.88 5.60 10.25
N GLU A 26 -9.53 6.87 10.42
CA GLU A 26 -10.51 7.96 10.39
C GLU A 26 -11.24 8.05 9.05
N SER A 27 -10.49 7.91 7.96
CA SER A 27 -11.08 7.88 6.61
C SER A 27 -11.47 6.46 6.19
N GLY A 28 -10.77 5.47 6.74
CA GLY A 28 -11.03 4.07 6.40
C GLY A 28 -10.22 3.56 5.22
N PHE A 29 -9.22 4.34 4.80
CA PHE A 29 -8.39 3.99 3.64
C PHE A 29 -6.92 3.73 4.02
N TYR A 30 -6.20 3.10 3.11
CA TYR A 30 -4.75 2.94 3.23
C TYR A 30 -4.03 3.97 2.36
N GLU A 31 -3.18 4.78 2.96
CA GLU A 31 -2.40 5.80 2.24
C GLU A 31 -0.98 5.29 1.97
N PHE A 32 -0.61 5.19 0.70
CA PHE A 32 0.71 4.66 0.33
C PHE A 32 1.37 5.52 -0.75
N LYS A 33 2.70 5.65 -0.68
CA LYS A 33 3.46 6.41 -1.66
C LYS A 33 4.07 5.47 -2.72
N GLN A 34 3.52 5.52 -3.94
CA GLN A 34 3.99 4.66 -5.03
C GLN A 34 5.42 5.00 -5.49
N LEU A 35 5.96 4.18 -6.39
CA LEU A 35 7.35 4.34 -6.86
C LEU A 35 7.61 5.74 -7.44
N ASP A 36 6.60 6.35 -8.06
CA ASP A 36 6.71 7.68 -8.65
C ASP A 36 6.48 8.79 -7.59
N GLY A 37 6.43 8.41 -6.33
CA GLY A 37 6.13 9.36 -5.26
C GLY A 37 4.64 9.65 -5.12
N LYS A 38 3.81 8.97 -5.92
CA LYS A 38 2.36 9.19 -5.91
C LYS A 38 1.71 8.63 -4.64
N GLN A 39 1.47 9.48 -3.65
CA GLN A 39 0.78 9.07 -2.41
C GLN A 39 -0.74 9.12 -2.59
N THR A 40 -1.39 7.96 -2.56
CA THR A 40 -2.85 7.87 -2.78
C THR A 40 -3.52 6.92 -1.78
N ARG A 41 -4.85 6.97 -1.74
CA ARG A 41 -5.63 6.13 -0.81
C ARG A 41 -6.22 4.90 -1.52
N ILE A 42 -6.52 3.86 -0.76
CA ILE A 42 -7.23 2.69 -1.27
C ILE A 42 -8.15 2.11 -0.17
N ASN A 43 -9.36 1.70 -0.56
CA ASN A 43 -10.37 1.24 0.41
C ASN A 43 -9.88 -0.02 1.17
N LYS A 44 -10.15 -0.06 2.47
CA LYS A 44 -9.60 -1.10 3.36
C LYS A 44 -9.95 -2.55 2.94
N ASP A 45 -11.01 -2.71 2.15
CA ASP A 45 -11.44 -4.05 1.70
C ASP A 45 -10.61 -4.57 0.52
N GLN A 46 -9.92 -3.65 -0.17
CA GLN A 46 -9.17 -3.99 -1.39
C GLN A 46 -7.85 -4.71 -1.06
N VAL A 47 -7.29 -4.47 0.12
CA VAL A 47 -6.00 -5.06 0.49
C VAL A 47 -6.14 -6.55 0.89
N ARG A 48 -5.49 -7.43 0.13
CA ARG A 48 -5.38 -8.85 0.49
C ARG A 48 -4.23 -9.07 1.48
N THR A 49 -3.01 -8.73 1.06
CA THR A 49 -1.81 -8.86 1.89
C THR A 49 -0.80 -7.73 1.61
N VAL A 50 0.09 -7.47 2.57
CA VAL A 50 1.10 -6.41 2.44
C VAL A 50 2.51 -6.93 2.79
N LYS A 51 3.38 -7.04 1.78
CA LYS A 51 4.76 -7.52 1.98
C LYS A 51 5.79 -6.54 1.39
N ASP A 52 7.02 -6.60 1.89
CA ASP A 52 8.12 -5.81 1.34
C ASP A 52 8.82 -6.56 0.20
N LEU A 53 9.38 -5.80 -0.74
CA LEU A 53 10.17 -6.39 -1.83
C LEU A 53 11.51 -6.92 -1.31
N LEU A 54 11.88 -6.52 -0.08
CA LEU A 54 13.12 -6.96 0.55
C LEU A 54 12.86 -7.62 1.92
N GLU A 55 12.57 -8.92 1.91
CA GLU A 55 12.42 -9.69 3.16
C GLU A 55 13.52 -10.77 3.28
N MET A 1 15.00 5.77 4.99
CA MET A 1 14.63 4.42 5.49
C MET A 1 13.37 3.86 4.79
N ALA A 2 12.97 4.50 3.68
CA ALA A 2 11.79 4.08 2.93
C ALA A 2 11.88 2.60 2.52
N SER A 3 11.07 1.76 3.19
CA SER A 3 11.06 0.31 2.92
C SER A 3 10.09 -0.04 1.77
N PRO A 4 10.62 -0.43 0.59
CA PRO A 4 9.80 -0.74 -0.59
C PRO A 4 8.74 -1.83 -0.30
N THR A 5 7.46 -1.45 -0.38
CA THR A 5 6.35 -2.33 -0.01
C THR A 5 5.38 -2.56 -1.18
N VAL A 6 4.99 -3.82 -1.38
CA VAL A 6 3.99 -4.17 -2.39
C VAL A 6 2.64 -4.55 -1.75
N ILE A 7 1.56 -3.98 -2.26
CA ILE A 7 0.22 -4.23 -1.73
C ILE A 7 -0.60 -5.10 -2.69
N THR A 8 -0.87 -6.35 -2.29
CA THR A 8 -1.69 -7.25 -3.10
C THR A 8 -3.18 -7.05 -2.80
N LEU A 9 -3.94 -6.61 -3.80
CA LEU A 9 -5.38 -6.36 -3.63
C LEU A 9 -6.19 -7.66 -3.75
N ASN A 10 -7.49 -7.56 -3.46
CA ASN A 10 -8.39 -8.73 -3.47
C ASN A 10 -8.38 -9.44 -4.84
N ASP A 11 -8.42 -8.65 -5.91
CA ASP A 11 -8.45 -9.18 -7.29
C ASP A 11 -7.10 -9.78 -7.73
N GLY A 12 -6.10 -9.74 -6.84
CA GLY A 12 -4.77 -10.24 -7.18
C GLY A 12 -3.85 -9.15 -7.74
N ARG A 13 -4.43 -8.00 -8.09
CA ARG A 13 -3.67 -6.86 -8.60
C ARG A 13 -2.79 -6.26 -7.49
N GLU A 14 -1.51 -6.02 -7.79
CA GLU A 14 -0.57 -5.56 -6.76
C GLU A 14 -0.02 -4.16 -7.08
N ILE A 15 0.10 -3.32 -6.06
CA ILE A 15 0.62 -1.95 -6.22
C ILE A 15 2.03 -1.82 -5.61
N GLN A 16 2.90 -1.08 -6.28
CA GLN A 16 4.30 -0.96 -5.87
C GLN A 16 4.60 0.40 -5.18
N ALA A 17 4.98 0.35 -3.90
CA ALA A 17 5.27 1.56 -3.13
C ALA A 17 6.71 1.58 -2.58
N VAL A 18 7.26 2.78 -2.37
CA VAL A 18 8.63 2.93 -1.83
C VAL A 18 8.65 2.87 -0.29
N ASP A 19 7.49 3.06 0.34
CA ASP A 19 7.37 2.98 1.80
C ASP A 19 6.05 2.31 2.22
N THR A 20 5.89 2.09 3.52
CA THR A 20 4.74 1.33 4.06
C THR A 20 3.47 2.18 4.15
N PRO A 21 2.30 1.57 3.86
CA PRO A 21 1.01 2.28 3.92
C PRO A 21 0.53 2.58 5.36
N LYS A 22 -0.09 3.76 5.53
CA LYS A 22 -0.69 4.15 6.82
C LYS A 22 -2.20 3.92 6.81
N TYR A 23 -2.73 3.27 7.86
CA TYR A 23 -4.18 3.06 7.98
C TYR A 23 -4.86 4.16 8.81
N ASP A 24 -5.85 4.82 8.23
CA ASP A 24 -6.67 5.79 8.96
C ASP A 24 -7.99 5.13 9.40
N GLU A 25 -8.24 5.10 10.70
CA GLU A 25 -9.42 4.38 11.25
C GLU A 25 -10.74 5.04 10.85
N GLU A 26 -10.72 6.34 10.59
CA GLU A 26 -11.95 7.10 10.30
C GLU A 26 -12.40 6.97 8.83
N SER A 27 -11.47 7.13 7.89
CA SER A 27 -11.78 7.03 6.46
C SER A 27 -11.63 5.60 5.94
N GLY A 28 -10.75 4.82 6.58
CA GLY A 28 -10.55 3.42 6.20
C GLY A 28 -9.57 3.24 5.03
N PHE A 29 -8.90 4.32 4.64
CA PHE A 29 -7.94 4.27 3.52
C PHE A 29 -6.49 4.08 4.00
N TYR A 30 -5.68 3.46 3.14
CA TYR A 30 -4.23 3.31 3.37
C TYR A 30 -3.45 4.34 2.53
N GLU A 31 -2.59 5.12 3.18
CA GLU A 31 -1.77 6.13 2.49
C GLU A 31 -0.36 5.59 2.24
N PHE A 32 0.04 5.50 0.97
CA PHE A 32 1.36 4.97 0.61
C PHE A 32 1.94 5.69 -0.62
N LYS A 33 3.26 5.83 -0.64
CA LYS A 33 3.95 6.51 -1.74
C LYS A 33 4.42 5.50 -2.81
N GLN A 34 3.86 5.62 -4.01
CA GLN A 34 4.19 4.69 -5.12
C GLN A 34 5.64 4.86 -5.60
N LEU A 35 6.13 3.87 -6.36
CA LEU A 35 7.45 4.00 -7.02
C LEU A 35 7.46 5.21 -7.97
N ASP A 36 6.28 5.60 -8.40
CA ASP A 36 6.09 6.77 -9.27
C ASP A 36 6.33 8.10 -8.50
N GLY A 37 6.38 8.02 -7.17
CA GLY A 37 6.56 9.21 -6.35
C GLY A 37 5.26 9.73 -5.74
N LYS A 38 4.17 9.68 -6.51
CA LYS A 38 2.86 10.16 -6.02
C LYS A 38 2.28 9.25 -4.92
N GLN A 39 1.91 9.85 -3.78
CA GLN A 39 1.31 9.10 -2.67
C GLN A 39 -0.21 8.96 -2.86
N THR A 40 -0.67 7.72 -3.01
CA THR A 40 -2.09 7.44 -3.25
C THR A 40 -2.73 6.66 -2.09
N ARG A 41 -4.06 6.61 -2.08
CA ARG A 41 -4.81 5.94 -1.00
C ARG A 41 -5.84 4.96 -1.54
N ILE A 42 -5.95 3.79 -0.91
CA ILE A 42 -6.95 2.79 -1.29
C ILE A 42 -7.64 2.21 -0.04
N ASN A 43 -8.91 1.81 -0.18
CA ASN A 43 -9.72 1.40 0.97
C ASN A 43 -9.26 0.05 1.56
N LYS A 44 -9.49 -0.11 2.87
CA LYS A 44 -9.06 -1.29 3.63
C LYS A 44 -9.65 -2.61 3.11
N ASP A 45 -10.83 -2.56 2.52
CA ASP A 45 -11.51 -3.78 2.08
C ASP A 45 -10.91 -4.33 0.77
N GLN A 46 -10.06 -3.53 0.11
CA GLN A 46 -9.42 -3.94 -1.15
C GLN A 46 -8.05 -4.62 -0.91
N VAL A 47 -7.37 -4.26 0.17
CA VAL A 47 -6.04 -4.83 0.45
C VAL A 47 -6.11 -6.27 1.00
N ARG A 48 -5.60 -7.21 0.22
CA ARG A 48 -5.55 -8.62 0.64
C ARG A 48 -4.32 -8.90 1.52
N THR A 49 -3.12 -8.60 1.00
CA THR A 49 -1.86 -8.80 1.73
C THR A 49 -0.90 -7.62 1.56
N VAL A 50 -0.06 -7.38 2.58
CA VAL A 50 0.97 -6.34 2.51
C VAL A 50 2.38 -6.95 2.69
N LYS A 51 3.17 -6.94 1.62
CA LYS A 51 4.50 -7.57 1.62
C LYS A 51 5.60 -6.58 1.20
N ASP A 52 6.86 -6.98 1.40
CA ASP A 52 8.00 -6.17 0.95
C ASP A 52 8.43 -6.55 -0.47
N LEU A 53 8.88 -5.56 -1.24
CA LEU A 53 9.41 -5.81 -2.59
C LEU A 53 10.72 -6.61 -2.53
N LEU A 54 11.37 -6.61 -1.37
CA LEU A 54 12.64 -7.32 -1.18
C LEU A 54 12.44 -8.61 -0.35
N GLU A 55 11.32 -9.30 -0.55
CA GLU A 55 11.06 -10.58 0.14
C GLU A 55 12.02 -11.69 -0.34
N MET A 1 11.29 2.49 8.47
CA MET A 1 11.60 3.60 7.51
C MET A 1 10.87 3.39 6.19
N ALA A 2 11.06 4.33 5.25
CA ALA A 2 10.53 4.18 3.90
C ALA A 2 11.20 3.01 3.16
N SER A 3 10.67 1.82 3.34
CA SER A 3 11.20 0.62 2.69
C SER A 3 10.30 0.18 1.53
N PRO A 4 10.86 -0.46 0.48
CA PRO A 4 10.07 -0.92 -0.67
C PRO A 4 9.05 -2.01 -0.28
N THR A 5 7.76 -1.68 -0.40
CA THR A 5 6.67 -2.58 -0.02
C THR A 5 5.69 -2.81 -1.19
N VAL A 6 5.34 -4.07 -1.43
CA VAL A 6 4.36 -4.41 -2.46
C VAL A 6 3.01 -4.81 -1.83
N ILE A 7 1.95 -4.12 -2.23
CA ILE A 7 0.60 -4.39 -1.70
C ILE A 7 -0.24 -5.19 -2.70
N THR A 8 -0.67 -6.39 -2.28
CA THR A 8 -1.54 -7.22 -3.10
C THR A 8 -3.01 -6.93 -2.79
N LEU A 9 -3.77 -6.55 -3.81
CA LEU A 9 -5.19 -6.20 -3.63
C LEU A 9 -6.10 -7.43 -3.79
N ASN A 10 -7.28 -7.36 -3.20
CA ASN A 10 -8.32 -8.39 -3.35
C ASN A 10 -8.63 -8.65 -4.84
N ASP A 11 -8.49 -7.59 -5.65
CA ASP A 11 -8.67 -7.67 -7.09
C ASP A 11 -7.62 -8.61 -7.75
N GLY A 12 -6.49 -8.80 -7.06
CA GLY A 12 -5.39 -9.58 -7.61
C GLY A 12 -4.22 -8.70 -8.01
N ARG A 13 -4.51 -7.47 -8.42
CA ARG A 13 -3.49 -6.50 -8.82
C ARG A 13 -2.57 -6.12 -7.66
N GLU A 14 -1.28 -5.95 -7.94
CA GLU A 14 -0.31 -5.54 -6.92
C GLU A 14 0.31 -4.16 -7.23
N ILE A 15 0.55 -3.38 -6.20
CA ILE A 15 1.16 -2.05 -6.35
C ILE A 15 2.44 -1.92 -5.50
N GLN A 16 3.51 -1.41 -6.11
CA GLN A 16 4.79 -1.23 -5.39
C GLN A 16 4.93 0.19 -4.84
N ALA A 17 5.33 0.31 -3.57
CA ALA A 17 5.46 1.61 -2.92
C ALA A 17 6.87 1.84 -2.34
N VAL A 18 7.32 3.10 -2.37
CA VAL A 18 8.61 3.48 -1.78
C VAL A 18 8.49 3.82 -0.29
N ASP A 19 7.25 4.00 0.16
CA ASP A 19 6.95 4.24 1.58
C ASP A 19 6.00 3.15 2.12
N THR A 20 6.05 2.92 3.44
CA THR A 20 5.23 1.88 4.05
C THR A 20 3.78 2.35 4.25
N PRO A 21 2.79 1.52 3.86
CA PRO A 21 1.37 1.88 3.89
C PRO A 21 0.82 2.12 5.31
N LYS A 22 0.21 3.29 5.51
CA LYS A 22 -0.44 3.62 6.78
C LYS A 22 -1.95 3.34 6.71
N TYR A 23 -2.47 2.58 7.67
CA TYR A 23 -3.91 2.39 7.78
C TYR A 23 -4.55 3.56 8.53
N ASP A 24 -5.38 4.33 7.85
CA ASP A 24 -6.10 5.43 8.47
C ASP A 24 -7.53 4.97 8.85
N GLU A 25 -7.73 4.72 10.14
CA GLU A 25 -9.02 4.21 10.64
C GLU A 25 -10.11 5.28 10.54
N GLU A 26 -9.71 6.55 10.61
CA GLU A 26 -10.66 7.66 10.54
C GLU A 26 -11.40 7.67 9.19
N SER A 27 -10.64 7.64 8.10
CA SER A 27 -11.23 7.62 6.75
C SER A 27 -11.51 6.18 6.27
N GLY A 28 -10.77 5.21 6.79
CA GLY A 28 -10.95 3.80 6.41
C GLY A 28 -10.07 3.37 5.24
N PHE A 29 -9.10 4.21 4.88
CA PHE A 29 -8.24 3.94 3.71
C PHE A 29 -6.79 3.60 4.11
N TYR A 30 -6.08 2.95 3.19
CA TYR A 30 -4.64 2.75 3.30
C TYR A 30 -3.89 3.76 2.41
N GLU A 31 -3.02 4.56 3.02
CA GLU A 31 -2.26 5.58 2.29
C GLU A 31 -0.81 5.14 2.07
N PHE A 32 -0.39 5.08 0.82
CA PHE A 32 0.98 4.69 0.48
C PHE A 32 1.50 5.45 -0.76
N LYS A 33 2.81 5.55 -0.88
CA LYS A 33 3.44 6.29 -1.99
C LYS A 33 4.06 5.34 -3.02
N GLN A 34 3.47 5.29 -4.22
CA GLN A 34 3.93 4.42 -5.30
C GLN A 34 5.38 4.73 -5.73
N LEU A 35 5.99 3.82 -6.49
CA LEU A 35 7.35 4.04 -7.03
C LEU A 35 7.40 5.29 -7.93
N ASP A 36 6.23 5.68 -8.44
CA ASP A 36 6.11 6.88 -9.28
C ASP A 36 6.19 8.17 -8.46
N GLY A 37 6.13 8.03 -7.13
CA GLY A 37 6.12 9.20 -6.25
C GLY A 37 4.72 9.64 -5.87
N LYS A 38 3.71 9.00 -6.46
CA LYS A 38 2.30 9.34 -6.21
C LYS A 38 1.76 8.68 -4.93
N GLN A 39 1.34 9.49 -3.97
CA GLN A 39 0.69 8.96 -2.76
C GLN A 39 -0.81 8.72 -3.03
N THR A 40 -1.23 7.46 -3.02
CA THR A 40 -2.63 7.12 -3.33
C THR A 40 -3.34 6.49 -2.12
N ARG A 41 -4.66 6.65 -2.06
CA ARG A 41 -5.48 6.12 -0.96
C ARG A 41 -6.47 5.06 -1.47
N ILE A 42 -6.45 3.87 -0.88
CA ILE A 42 -7.36 2.79 -1.29
C ILE A 42 -8.10 2.19 -0.07
N ASN A 43 -9.36 1.78 -0.27
CA ASN A 43 -10.20 1.34 0.86
C ASN A 43 -9.70 0.04 1.51
N LYS A 44 -9.97 -0.09 2.81
CA LYS A 44 -9.50 -1.22 3.62
C LYS A 44 -9.96 -2.61 3.11
N ASP A 45 -11.01 -2.64 2.29
CA ASP A 45 -11.53 -3.93 1.78
C ASP A 45 -10.76 -4.40 0.53
N GLN A 46 -10.12 -3.46 -0.17
CA GLN A 46 -9.42 -3.78 -1.42
C GLN A 46 -8.02 -4.34 -1.16
N VAL A 47 -7.51 -4.20 0.06
CA VAL A 47 -6.17 -4.72 0.39
C VAL A 47 -6.23 -6.19 0.85
N ARG A 48 -5.61 -7.08 0.07
CA ARG A 48 -5.54 -8.50 0.42
C ARG A 48 -4.38 -8.76 1.40
N THR A 49 -3.16 -8.52 0.93
CA THR A 49 -1.94 -8.74 1.72
C THR A 49 -0.91 -7.61 1.52
N VAL A 50 -0.13 -7.34 2.54
CA VAL A 50 0.95 -6.34 2.47
C VAL A 50 2.32 -7.01 2.74
N LYS A 51 3.19 -7.01 1.73
CA LYS A 51 4.50 -7.67 1.87
C LYS A 51 5.64 -6.76 1.39
N ASP A 52 6.77 -6.80 2.09
CA ASP A 52 7.96 -6.04 1.69
C ASP A 52 8.73 -6.74 0.57
N LEU A 53 9.55 -6.00 -0.16
CA LEU A 53 10.45 -6.61 -1.16
C LEU A 53 11.72 -7.14 -0.50
N LEU A 54 11.89 -6.82 0.77
CA LEU A 54 13.02 -7.29 1.58
C LEU A 54 12.54 -8.30 2.63
N GLU A 55 12.60 -9.59 2.31
CA GLU A 55 12.11 -10.64 3.20
C GLU A 55 13.27 -11.55 3.69
N MET A 1 13.41 7.36 6.71
CA MET A 1 13.44 5.99 6.13
C MET A 1 12.46 5.86 4.95
N ALA A 2 12.58 4.76 4.21
CA ALA A 2 11.68 4.48 3.09
C ALA A 2 11.76 2.98 2.72
N SER A 3 10.95 2.16 3.39
CA SER A 3 10.96 0.72 3.18
C SER A 3 10.05 0.31 2.00
N PRO A 4 10.65 -0.22 0.90
CA PRO A 4 9.88 -0.60 -0.30
C PRO A 4 8.86 -1.72 -0.02
N THR A 5 7.58 -1.42 -0.25
CA THR A 5 6.50 -2.35 0.09
C THR A 5 5.56 -2.58 -1.11
N VAL A 6 4.99 -3.77 -1.21
CA VAL A 6 4.03 -4.09 -2.27
C VAL A 6 2.68 -4.54 -1.69
N ILE A 7 1.61 -3.87 -2.12
CA ILE A 7 0.25 -4.16 -1.62
C ILE A 7 -0.51 -5.06 -2.60
N THR A 8 -0.86 -6.26 -2.15
CA THR A 8 -1.67 -7.19 -2.95
C THR A 8 -3.16 -6.92 -2.75
N LEU A 9 -3.84 -6.46 -3.80
CA LEU A 9 -5.29 -6.21 -3.72
C LEU A 9 -6.09 -7.52 -3.84
N ASN A 10 -7.37 -7.45 -3.49
CA ASN A 10 -8.24 -8.64 -3.45
C ASN A 10 -8.39 -9.27 -4.85
N ASP A 11 -8.38 -8.43 -5.89
CA ASP A 11 -8.45 -8.89 -7.27
C ASP A 11 -7.09 -9.42 -7.78
N GLY A 12 -6.11 -9.54 -6.87
CA GLY A 12 -4.82 -10.11 -7.22
C GLY A 12 -3.81 -9.07 -7.73
N ARG A 13 -4.28 -7.87 -8.05
CA ARG A 13 -3.41 -6.79 -8.55
C ARG A 13 -2.47 -6.27 -7.45
N GLU A 14 -1.16 -6.36 -7.67
CA GLU A 14 -0.17 -5.88 -6.68
C GLU A 14 0.42 -4.52 -7.10
N ILE A 15 0.43 -3.57 -6.17
CA ILE A 15 0.98 -2.24 -6.42
C ILE A 15 2.21 -1.97 -5.54
N GLN A 16 3.30 -1.50 -6.15
CA GLN A 16 4.55 -1.26 -5.45
C GLN A 16 4.70 0.21 -4.99
N ALA A 17 5.16 0.39 -3.76
CA ALA A 17 5.36 1.72 -3.17
C ALA A 17 6.78 1.87 -2.59
N VAL A 18 7.29 3.10 -2.59
CA VAL A 18 8.64 3.38 -2.08
C VAL A 18 8.70 3.32 -0.54
N ASP A 19 7.56 3.57 0.09
CA ASP A 19 7.43 3.49 1.55
C ASP A 19 6.26 2.59 1.97
N THR A 20 6.13 2.35 3.28
CA THR A 20 5.10 1.45 3.79
C THR A 20 3.73 2.15 3.93
N PRO A 21 2.62 1.43 3.70
CA PRO A 21 1.26 2.01 3.79
C PRO A 21 0.82 2.33 5.23
N LYS A 22 0.32 3.54 5.44
CA LYS A 22 -0.23 3.95 6.74
C LYS A 22 -1.75 3.81 6.75
N TYR A 23 -2.28 3.04 7.68
CA TYR A 23 -3.73 2.81 7.77
C TYR A 23 -4.44 3.95 8.51
N ASP A 24 -5.50 4.48 7.92
CA ASP A 24 -6.32 5.50 8.56
C ASP A 24 -7.63 4.90 9.08
N GLU A 25 -7.76 4.80 10.40
CA GLU A 25 -8.92 4.18 11.03
C GLU A 25 -10.16 5.07 10.91
N GLU A 26 -9.96 6.37 10.88
CA GLU A 26 -11.06 7.33 10.84
C GLU A 26 -11.81 7.33 9.49
N SER A 27 -11.10 7.09 8.40
CA SER A 27 -11.73 7.08 7.06
C SER A 27 -11.62 5.72 6.36
N GLY A 28 -10.81 4.81 6.90
CA GLY A 28 -10.74 3.45 6.36
C GLY A 28 -9.83 3.30 5.14
N PHE A 29 -9.03 4.31 4.83
CA PHE A 29 -8.14 4.26 3.65
C PHE A 29 -6.67 3.97 4.04
N TYR A 30 -5.91 3.38 3.11
CA TYR A 30 -4.47 3.18 3.27
C TYR A 30 -3.67 4.24 2.47
N GLU A 31 -2.74 4.92 3.12
CA GLU A 31 -1.90 5.94 2.47
C GLU A 31 -0.52 5.37 2.10
N PHE A 32 -0.19 5.36 0.82
CA PHE A 32 1.11 4.86 0.36
C PHE A 32 1.63 5.65 -0.86
N LYS A 33 2.95 5.83 -0.94
CA LYS A 33 3.56 6.55 -2.04
C LYS A 33 4.10 5.60 -3.11
N GLN A 34 3.46 5.61 -4.28
CA GLN A 34 3.85 4.73 -5.39
C GLN A 34 5.30 4.98 -5.86
N LEU A 35 5.83 4.08 -6.68
CA LEU A 35 7.22 4.15 -7.15
C LEU A 35 7.57 5.52 -7.78
N ASP A 36 6.67 6.06 -8.59
CA ASP A 36 6.93 7.34 -9.28
C ASP A 36 6.77 8.55 -8.33
N GLY A 37 6.38 8.29 -7.09
CA GLY A 37 6.29 9.36 -6.09
C GLY A 37 4.87 9.85 -5.82
N LYS A 38 3.89 9.31 -6.53
CA LYS A 38 2.49 9.72 -6.35
C LYS A 38 1.84 8.99 -5.17
N GLN A 39 1.69 9.69 -4.04
CA GLN A 39 1.01 9.14 -2.85
C GLN A 39 -0.51 9.04 -3.07
N THR A 40 -1.03 7.82 -2.99
CA THR A 40 -2.48 7.59 -3.21
C THR A 40 -3.11 6.84 -2.03
N ARG A 41 -4.45 6.84 -1.99
CA ARG A 41 -5.18 6.18 -0.91
C ARG A 41 -6.23 5.20 -1.46
N ILE A 42 -6.22 3.97 -0.96
CA ILE A 42 -7.20 2.96 -1.38
C ILE A 42 -7.99 2.43 -0.18
N ASN A 43 -9.24 2.01 -0.40
CA ASN A 43 -10.13 1.60 0.69
C ASN A 43 -9.65 0.30 1.37
N LYS A 44 -10.02 0.14 2.65
CA LYS A 44 -9.53 -0.96 3.49
C LYS A 44 -9.99 -2.36 3.03
N ASP A 45 -11.06 -2.42 2.25
CA ASP A 45 -11.62 -3.71 1.83
C ASP A 45 -10.83 -4.34 0.67
N GLN A 46 -10.16 -3.52 -0.12
CA GLN A 46 -9.46 -3.98 -1.31
C GLN A 46 -8.12 -4.67 -1.00
N VAL A 47 -7.55 -4.38 0.18
CA VAL A 47 -6.25 -4.98 0.55
C VAL A 47 -6.39 -6.48 0.90
N ARG A 48 -5.78 -7.33 0.09
CA ARG A 48 -5.74 -8.77 0.33
C ARG A 48 -4.63 -9.11 1.35
N THR A 49 -3.38 -8.84 0.95
CA THR A 49 -2.21 -9.08 1.80
C THR A 49 -1.12 -8.03 1.55
N VAL A 50 -0.37 -7.68 2.60
CA VAL A 50 0.73 -6.72 2.49
C VAL A 50 2.09 -7.43 2.53
N LYS A 51 2.88 -7.28 1.46
CA LYS A 51 4.18 -7.97 1.36
C LYS A 51 5.34 -6.98 1.26
N ASP A 52 6.52 -7.41 1.71
CA ASP A 52 7.73 -6.58 1.66
C ASP A 52 8.53 -6.85 0.37
N LEU A 53 9.08 -5.81 -0.23
CA LEU A 53 9.93 -5.96 -1.43
C LEU A 53 11.33 -6.43 -1.05
N LEU A 54 11.74 -6.18 0.19
CA LEU A 54 13.03 -6.67 0.70
C LEU A 54 12.82 -7.76 1.77
N GLU A 55 12.65 -9.00 1.33
CA GLU A 55 12.50 -10.14 2.24
C GLU A 55 13.84 -10.86 2.46
N MET A 1 12.36 7.90 7.22
CA MET A 1 12.67 6.46 7.03
C MET A 1 11.52 5.76 6.28
N ALA A 2 11.87 4.83 5.38
CA ALA A 2 10.84 4.12 4.60
C ALA A 2 11.30 2.72 4.18
N SER A 3 10.34 1.81 4.03
CA SER A 3 10.61 0.46 3.54
C SER A 3 9.76 0.17 2.29
N PRO A 4 10.34 -0.46 1.25
CA PRO A 4 9.60 -0.77 0.01
C PRO A 4 8.54 -1.86 0.23
N THR A 5 7.26 -1.51 0.06
CA THR A 5 6.16 -2.44 0.32
C THR A 5 5.25 -2.63 -0.91
N VAL A 6 4.89 -3.87 -1.20
CA VAL A 6 3.96 -4.18 -2.29
C VAL A 6 2.58 -4.62 -1.76
N ILE A 7 1.55 -3.85 -2.10
CA ILE A 7 0.19 -4.14 -1.65
C ILE A 7 -0.55 -5.04 -2.66
N THR A 8 -0.74 -6.30 -2.31
CA THR A 8 -1.51 -7.22 -3.15
C THR A 8 -3.01 -7.07 -2.87
N LEU A 9 -3.78 -6.79 -3.92
CA LEU A 9 -5.22 -6.54 -3.78
C LEU A 9 -6.05 -7.79 -4.07
N ASN A 10 -7.32 -7.77 -3.62
CA ASN A 10 -8.24 -8.88 -3.84
C ASN A 10 -8.35 -9.25 -5.33
N ASP A 11 -8.49 -8.24 -6.19
CA ASP A 11 -8.65 -8.45 -7.63
C ASP A 11 -7.32 -8.84 -8.32
N GLY A 12 -6.27 -9.05 -7.54
CA GLY A 12 -5.01 -9.54 -8.09
C GLY A 12 -3.96 -8.46 -8.33
N ARG A 13 -4.40 -7.19 -8.44
CA ARG A 13 -3.48 -6.09 -8.69
C ARG A 13 -2.47 -5.89 -7.54
N GLU A 14 -1.21 -5.68 -7.88
CA GLU A 14 -0.18 -5.37 -6.89
C GLU A 14 0.28 -3.92 -7.01
N ILE A 15 0.30 -3.19 -5.91
CA ILE A 15 0.73 -1.79 -5.91
C ILE A 15 2.04 -1.62 -5.11
N GLN A 16 3.12 -1.31 -5.81
CA GLN A 16 4.45 -1.21 -5.19
C GLN A 16 4.75 0.24 -4.77
N ALA A 17 4.93 0.44 -3.46
CA ALA A 17 5.19 1.77 -2.90
C ALA A 17 6.62 1.90 -2.35
N VAL A 18 7.09 3.15 -2.21
CA VAL A 18 8.41 3.44 -1.67
C VAL A 18 8.41 3.47 -0.12
N ASP A 19 7.21 3.56 0.46
CA ASP A 19 7.05 3.57 1.91
C ASP A 19 5.94 2.60 2.36
N THR A 20 5.92 2.29 3.66
CA THR A 20 4.91 1.38 4.21
C THR A 20 3.59 2.13 4.44
N PRO A 21 2.50 1.69 3.78
CA PRO A 21 1.19 2.38 3.81
C PRO A 21 0.67 2.65 5.23
N LYS A 22 0.40 3.93 5.53
CA LYS A 22 -0.14 4.31 6.83
C LYS A 22 -1.68 4.24 6.83
N TYR A 23 -2.23 3.46 7.77
CA TYR A 23 -3.68 3.23 7.83
C TYR A 23 -4.39 4.26 8.72
N ASP A 24 -5.47 4.83 8.20
CA ASP A 24 -6.34 5.71 9.01
C ASP A 24 -7.57 4.94 9.49
N GLU A 25 -7.69 4.80 10.81
CA GLU A 25 -8.77 4.01 11.43
C GLU A 25 -10.16 4.63 11.17
N GLU A 26 -10.22 5.95 11.09
CA GLU A 26 -11.49 6.67 10.92
C GLU A 26 -12.07 6.49 9.51
N SER A 27 -11.24 6.72 8.49
CA SER A 27 -11.68 6.68 7.09
C SER A 27 -11.55 5.28 6.48
N GLY A 28 -10.59 4.50 6.97
CA GLY A 28 -10.39 3.14 6.46
C GLY A 28 -9.46 3.09 5.25
N PHE A 29 -8.80 4.20 4.94
CA PHE A 29 -7.90 4.28 3.78
C PHE A 29 -6.42 4.13 4.16
N TYR A 30 -5.64 3.56 3.24
CA TYR A 30 -4.18 3.44 3.41
C TYR A 30 -3.47 4.52 2.56
N GLU A 31 -2.56 5.26 3.19
CA GLU A 31 -1.77 6.30 2.51
C GLU A 31 -0.36 5.78 2.17
N PHE A 32 0.01 5.84 0.89
CA PHE A 32 1.32 5.35 0.43
C PHE A 32 1.73 6.03 -0.90
N LYS A 33 3.03 6.15 -1.12
CA LYS A 33 3.56 6.72 -2.36
C LYS A 33 4.15 5.63 -3.27
N GLN A 34 3.56 5.42 -4.44
CA GLN A 34 4.03 4.40 -5.38
C GLN A 34 5.47 4.68 -5.84
N LEU A 35 6.16 3.64 -6.33
CA LEU A 35 7.54 3.78 -6.85
C LEU A 35 7.65 4.90 -7.88
N ASP A 36 6.57 5.14 -8.62
CA ASP A 36 6.52 6.18 -9.66
C ASP A 36 6.47 7.60 -9.05
N GLY A 37 6.56 7.70 -7.73
CA GLY A 37 6.51 9.00 -7.07
C GLY A 37 5.09 9.56 -6.98
N LYS A 38 4.10 8.68 -7.05
CA LYS A 38 2.68 9.09 -7.03
C LYS A 38 1.97 8.52 -5.79
N GLN A 39 1.57 9.40 -4.88
CA GLN A 39 0.86 8.99 -3.65
C GLN A 39 -0.65 8.89 -3.87
N THR A 40 -1.27 7.85 -3.31
CA THR A 40 -2.72 7.67 -3.39
C THR A 40 -3.29 7.00 -2.13
N ARG A 41 -4.61 7.07 -1.95
CA ARG A 41 -5.28 6.41 -0.82
C ARG A 41 -6.23 5.30 -1.31
N ILE A 42 -6.04 4.09 -0.78
CA ILE A 42 -6.89 2.94 -1.16
C ILE A 42 -7.69 2.42 0.05
N ASN A 43 -8.87 1.87 -0.20
CA ASN A 43 -9.75 1.42 0.89
C ASN A 43 -9.32 0.06 1.48
N LYS A 44 -9.57 -0.13 2.76
CA LYS A 44 -9.15 -1.32 3.50
C LYS A 44 -9.79 -2.63 2.99
N ASP A 45 -10.84 -2.53 2.19
CA ASP A 45 -11.53 -3.72 1.67
C ASP A 45 -10.75 -4.35 0.51
N GLN A 46 -9.91 -3.56 -0.16
CA GLN A 46 -9.15 -4.01 -1.32
C GLN A 46 -7.90 -4.83 -0.94
N VAL A 47 -7.34 -4.57 0.23
CA VAL A 47 -6.07 -5.20 0.62
C VAL A 47 -6.22 -6.72 0.87
N ARG A 48 -5.57 -7.50 0.01
CA ARG A 48 -5.50 -8.96 0.14
C ARG A 48 -4.41 -9.36 1.14
N THR A 49 -3.16 -8.98 0.83
CA THR A 49 -2.01 -9.26 1.70
C THR A 49 -0.94 -8.16 1.56
N VAL A 50 -0.49 -7.63 2.69
CA VAL A 50 0.57 -6.60 2.70
C VAL A 50 1.97 -7.23 2.90
N LYS A 51 2.78 -7.21 1.84
CA LYS A 51 4.15 -7.73 1.91
C LYS A 51 5.17 -6.68 1.47
N ASP A 52 6.39 -6.79 1.98
CA ASP A 52 7.47 -5.89 1.60
C ASP A 52 8.23 -6.42 0.37
N LEU A 53 8.75 -5.53 -0.46
CA LEU A 53 9.65 -5.93 -1.55
C LEU A 53 10.92 -6.58 -1.00
N LEU A 54 11.30 -6.16 0.21
CA LEU A 54 12.40 -6.78 0.96
C LEU A 54 11.89 -7.27 2.33
N GLU A 55 11.24 -8.44 2.34
CA GLU A 55 10.68 -9.01 3.59
C GLU A 55 11.77 -9.43 4.58
N MET A 1 12.43 7.14 6.67
CA MET A 1 12.84 5.79 6.18
C MET A 1 11.99 5.35 4.98
N ALA A 2 12.58 4.56 4.09
CA ALA A 2 11.89 4.09 2.88
C ALA A 2 12.33 2.67 2.50
N SER A 3 11.39 1.91 1.94
CA SER A 3 11.65 0.50 1.59
C SER A 3 10.73 0.06 0.44
N PRO A 4 11.23 -0.78 -0.50
CA PRO A 4 10.39 -1.30 -1.59
C PRO A 4 9.30 -2.24 -1.06
N THR A 5 8.04 -1.83 -1.20
CA THR A 5 6.90 -2.59 -0.64
C THR A 5 5.84 -2.86 -1.72
N VAL A 6 5.13 -3.97 -1.58
CA VAL A 6 4.09 -4.36 -2.54
C VAL A 6 2.76 -4.69 -1.85
N ILE A 7 1.68 -4.08 -2.32
CA ILE A 7 0.34 -4.30 -1.78
C ILE A 7 -0.52 -5.11 -2.76
N THR A 8 -0.83 -6.36 -2.40
CA THR A 8 -1.66 -7.23 -3.25
C THR A 8 -3.15 -7.07 -2.94
N LEU A 9 -3.92 -6.63 -3.92
CA LEU A 9 -5.37 -6.45 -3.76
C LEU A 9 -6.14 -7.77 -4.00
N ASN A 10 -7.44 -7.77 -3.68
CA ASN A 10 -8.27 -8.97 -3.85
C ASN A 10 -8.36 -9.40 -5.34
N ASP A 11 -8.28 -8.43 -6.24
CA ASP A 11 -8.27 -8.72 -7.69
C ASP A 11 -7.01 -9.51 -8.10
N GLY A 12 -5.97 -9.45 -7.29
CA GLY A 12 -4.67 -9.97 -7.68
C GLY A 12 -3.75 -8.86 -8.19
N ARG A 13 -4.32 -7.67 -8.35
CA ARG A 13 -3.58 -6.48 -8.74
C ARG A 13 -2.63 -6.01 -7.62
N GLU A 14 -1.35 -5.88 -7.94
CA GLU A 14 -0.35 -5.49 -6.93
C GLU A 14 0.18 -4.06 -7.18
N ILE A 15 0.19 -3.25 -6.13
CA ILE A 15 0.69 -1.87 -6.21
C ILE A 15 2.00 -1.73 -5.42
N GLN A 16 3.05 -1.23 -6.08
CA GLN A 16 4.35 -1.10 -5.44
C GLN A 16 4.59 0.33 -4.90
N ALA A 17 5.00 0.42 -3.63
CA ALA A 17 5.27 1.70 -2.97
C ALA A 17 6.73 1.80 -2.50
N VAL A 18 7.19 3.02 -2.24
CA VAL A 18 8.56 3.25 -1.76
C VAL A 18 8.62 3.39 -0.22
N ASP A 19 7.46 3.37 0.42
CA ASP A 19 7.38 3.48 1.89
C ASP A 19 6.23 2.63 2.46
N THR A 20 6.16 2.59 3.79
CA THR A 20 5.17 1.77 4.50
C THR A 20 3.78 2.43 4.53
N PRO A 21 2.71 1.68 4.15
CA PRO A 21 1.34 2.21 4.12
C PRO A 21 0.75 2.46 5.52
N LYS A 22 0.13 3.63 5.70
CA LYS A 22 -0.50 3.98 6.98
C LYS A 22 -2.00 3.62 6.97
N TYR A 23 -2.48 3.02 8.06
CA TYR A 23 -3.91 2.71 8.20
C TYR A 23 -4.65 3.81 8.98
N ASP A 24 -5.58 4.49 8.33
CA ASP A 24 -6.38 5.53 8.99
C ASP A 24 -7.84 5.06 9.17
N GLU A 25 -8.28 4.97 10.42
CA GLU A 25 -9.64 4.48 10.74
C GLU A 25 -10.72 5.51 10.37
N GLU A 26 -10.45 6.78 10.68
CA GLU A 26 -11.44 7.85 10.48
C GLU A 26 -11.85 7.98 8.99
N SER A 27 -10.90 7.82 8.08
CA SER A 27 -11.20 7.83 6.64
C SER A 27 -11.42 6.41 6.09
N GLY A 28 -10.80 5.40 6.73
CA GLY A 28 -11.00 4.02 6.29
C GLY A 28 -10.09 3.59 5.14
N PHE A 29 -9.08 4.40 4.85
CA PHE A 29 -8.18 4.13 3.71
C PHE A 29 -6.73 3.87 4.17
N TYR A 30 -5.94 3.29 3.27
CA TYR A 30 -4.48 3.15 3.48
C TYR A 30 -3.71 4.22 2.69
N GLU A 31 -2.82 4.94 3.36
CA GLU A 31 -2.01 5.98 2.70
C GLU A 31 -0.61 5.45 2.36
N PHE A 32 -0.27 5.44 1.07
CA PHE A 32 1.04 4.96 0.62
C PHE A 32 1.55 5.75 -0.59
N LYS A 33 2.86 5.79 -0.78
CA LYS A 33 3.47 6.50 -1.90
C LYS A 33 4.05 5.52 -2.93
N GLN A 34 3.41 5.43 -4.10
CA GLN A 34 3.83 4.50 -5.16
C GLN A 34 5.25 4.80 -5.66
N LEU A 35 5.84 3.84 -6.39
CA LEU A 35 7.22 3.97 -6.91
C LEU A 35 7.47 5.32 -7.61
N ASP A 36 6.53 5.75 -8.43
CA ASP A 36 6.68 6.98 -9.22
C ASP A 36 6.56 8.25 -8.36
N GLY A 37 6.30 8.07 -7.07
CA GLY A 37 6.09 9.19 -6.17
C GLY A 37 4.61 9.52 -5.97
N LYS A 38 3.75 8.78 -6.66
CA LYS A 38 2.30 9.00 -6.57
C LYS A 38 1.72 8.55 -5.22
N GLN A 39 1.55 9.49 -4.30
CA GLN A 39 0.94 9.19 -3.00
C GLN A 39 -0.59 9.13 -3.13
N THR A 40 -1.18 7.98 -2.79
CA THR A 40 -2.63 7.79 -2.93
C THR A 40 -3.20 6.91 -1.81
N ARG A 41 -4.53 6.91 -1.68
CA ARG A 41 -5.21 6.08 -0.69
C ARG A 41 -6.15 5.07 -1.35
N ILE A 42 -6.30 3.91 -0.71
CA ILE A 42 -7.21 2.87 -1.20
C ILE A 42 -8.06 2.30 -0.06
N ASN A 43 -9.26 1.81 -0.37
CA ASN A 43 -10.18 1.30 0.65
C ASN A 43 -9.60 0.07 1.38
N LYS A 44 -9.71 0.09 2.70
CA LYS A 44 -9.06 -0.92 3.57
C LYS A 44 -9.50 -2.37 3.30
N ASP A 45 -10.61 -2.57 2.59
CA ASP A 45 -11.12 -3.93 2.35
C ASP A 45 -10.59 -4.52 1.03
N GLN A 46 -9.97 -3.68 0.19
CA GLN A 46 -9.46 -4.12 -1.11
C GLN A 46 -8.13 -4.89 -0.96
N VAL A 47 -7.39 -4.59 0.08
CA VAL A 47 -6.06 -5.18 0.29
C VAL A 47 -6.14 -6.63 0.83
N ARG A 48 -5.56 -7.57 0.11
CA ARG A 48 -5.47 -8.96 0.57
C ARG A 48 -4.26 -9.14 1.51
N THR A 49 -3.06 -8.85 1.00
CA THR A 49 -1.82 -8.99 1.78
C THR A 49 -0.82 -7.85 1.47
N VAL A 50 -0.21 -7.29 2.51
CA VAL A 50 0.84 -6.27 2.35
C VAL A 50 2.22 -6.84 2.70
N LYS A 51 3.06 -7.05 1.70
CA LYS A 51 4.41 -7.60 1.93
C LYS A 51 5.49 -6.67 1.36
N ASP A 52 6.69 -6.78 1.89
CA ASP A 52 7.85 -6.02 1.38
C ASP A 52 8.60 -6.83 0.31
N LEU A 53 9.21 -6.14 -0.64
CA LEU A 53 10.10 -6.80 -1.60
C LEU A 53 11.36 -7.28 -0.88
N LEU A 54 11.79 -6.48 0.11
CA LEU A 54 12.87 -6.85 1.02
C LEU A 54 12.33 -6.90 2.47
N GLU A 55 11.75 -8.05 2.84
CA GLU A 55 11.10 -8.22 4.15
C GLU A 55 12.09 -8.01 5.32
N MET A 1 11.30 5.33 9.80
CA MET A 1 11.92 4.86 8.53
C MET A 1 10.86 4.51 7.48
N ALA A 2 11.30 4.19 6.27
CA ALA A 2 10.38 3.79 5.19
C ALA A 2 10.87 2.51 4.49
N SER A 3 9.93 1.63 4.13
CA SER A 3 10.25 0.37 3.46
C SER A 3 9.42 0.20 2.19
N PRO A 4 10.05 -0.20 1.07
CA PRO A 4 9.33 -0.48 -0.20
C PRO A 4 8.38 -1.68 -0.04
N THR A 5 7.09 -1.44 -0.17
CA THR A 5 6.07 -2.48 0.08
C THR A 5 5.22 -2.77 -1.16
N VAL A 6 4.97 -4.04 -1.43
CA VAL A 6 4.06 -4.44 -2.51
C VAL A 6 2.68 -4.83 -1.94
N ILE A 7 1.65 -4.08 -2.32
CA ILE A 7 0.29 -4.33 -1.86
C ILE A 7 -0.50 -5.15 -2.88
N THR A 8 -0.80 -6.40 -2.53
CA THR A 8 -1.58 -7.29 -3.42
C THR A 8 -3.07 -7.17 -3.13
N LEU A 9 -3.84 -6.70 -4.11
CA LEU A 9 -5.28 -6.50 -3.94
C LEU A 9 -6.07 -7.80 -4.18
N ASN A 10 -7.31 -7.83 -3.70
CA ASN A 10 -8.17 -9.02 -3.80
C ASN A 10 -8.38 -9.48 -5.25
N ASP A 11 -8.55 -8.53 -6.17
CA ASP A 11 -8.74 -8.85 -7.60
C ASP A 11 -7.48 -9.49 -8.22
N GLY A 12 -6.35 -9.43 -7.50
CA GLY A 12 -5.11 -10.02 -8.01
C GLY A 12 -4.14 -8.99 -8.59
N ARG A 13 -4.41 -7.71 -8.37
CA ARG A 13 -3.52 -6.64 -8.84
C ARG A 13 -2.55 -6.19 -7.75
N GLU A 14 -1.26 -6.08 -8.09
CA GLU A 14 -0.24 -5.65 -7.13
C GLU A 14 0.19 -4.19 -7.36
N ILE A 15 0.20 -3.40 -6.28
CA ILE A 15 0.65 -2.01 -6.35
C ILE A 15 1.92 -1.82 -5.49
N GLN A 16 3.01 -1.40 -6.13
CA GLN A 16 4.29 -1.23 -5.44
C GLN A 16 4.48 0.21 -4.92
N ALA A 17 4.86 0.32 -3.65
CA ALA A 17 5.09 1.62 -3.01
C ALA A 17 6.51 1.74 -2.45
N VAL A 18 7.05 2.97 -2.41
CA VAL A 18 8.40 3.21 -1.89
C VAL A 18 8.42 3.32 -0.35
N ASP A 19 7.25 3.45 0.26
CA ASP A 19 7.12 3.45 1.72
C ASP A 19 5.91 2.62 2.20
N THR A 20 5.78 2.45 3.51
CA THR A 20 4.82 1.51 4.10
C THR A 20 3.38 2.05 4.13
N PRO A 21 2.38 1.19 3.84
CA PRO A 21 0.97 1.59 3.86
C PRO A 21 0.48 2.01 5.26
N LYS A 22 0.32 3.31 5.47
CA LYS A 22 -0.09 3.87 6.76
C LYS A 22 -1.62 3.88 6.89
N TYR A 23 -2.16 3.05 7.78
CA TYR A 23 -3.62 2.90 7.94
C TYR A 23 -4.23 4.02 8.79
N ASP A 24 -5.32 4.60 8.30
CA ASP A 24 -6.08 5.61 9.04
C ASP A 24 -7.55 5.18 9.18
N GLU A 25 -8.00 5.02 10.43
CA GLU A 25 -9.38 4.55 10.68
C GLU A 25 -10.41 5.70 10.57
N GLU A 26 -9.93 6.94 10.58
CA GLU A 26 -10.82 8.10 10.41
C GLU A 26 -11.39 8.16 8.99
N SER A 27 -10.54 7.95 8.00
CA SER A 27 -10.97 7.91 6.59
C SER A 27 -11.27 6.47 6.13
N GLY A 28 -10.60 5.51 6.76
CA GLY A 28 -10.78 4.10 6.41
C GLY A 28 -9.85 3.64 5.29
N PHE A 29 -8.87 4.47 4.94
CA PHE A 29 -7.96 4.17 3.83
C PHE A 29 -6.51 3.93 4.29
N TYR A 30 -5.70 3.35 3.40
CA TYR A 30 -4.26 3.20 3.60
C TYR A 30 -3.49 4.27 2.80
N GLU A 31 -2.53 4.95 3.44
CA GLU A 31 -1.71 5.95 2.77
C GLU A 31 -0.35 5.36 2.35
N PHE A 32 -0.06 5.36 1.05
CA PHE A 32 1.20 4.82 0.53
C PHE A 32 1.66 5.60 -0.71
N LYS A 33 2.98 5.77 -0.84
CA LYS A 33 3.56 6.48 -1.99
C LYS A 33 4.05 5.49 -3.05
N GLN A 34 3.36 5.45 -4.20
CA GLN A 34 3.74 4.55 -5.30
C GLN A 34 5.16 4.85 -5.82
N LEU A 35 5.73 3.91 -6.58
CA LEU A 35 7.08 4.06 -7.15
C LEU A 35 7.22 5.37 -7.94
N ASP A 36 6.15 5.78 -8.60
CA ASP A 36 6.16 6.99 -9.43
C ASP A 36 6.20 8.28 -8.59
N GLY A 37 5.96 8.14 -7.28
CA GLY A 37 5.90 9.29 -6.38
C GLY A 37 4.47 9.65 -6.00
N LYS A 38 3.50 9.00 -6.63
CA LYS A 38 2.08 9.25 -6.35
C LYS A 38 1.64 8.62 -5.02
N GLN A 39 1.57 9.43 -3.98
CA GLN A 39 1.05 8.97 -2.69
C GLN A 39 -0.48 9.04 -2.66
N THR A 40 -1.12 7.88 -2.78
CA THR A 40 -2.58 7.79 -2.83
C THR A 40 -3.14 6.87 -1.74
N ARG A 41 -4.45 6.94 -1.53
CA ARG A 41 -5.11 6.13 -0.50
C ARG A 41 -6.10 5.12 -1.11
N ILE A 42 -6.01 3.87 -0.68
CA ILE A 42 -6.95 2.83 -1.12
C ILE A 42 -7.75 2.28 0.06
N ASN A 43 -8.98 1.81 -0.20
CA ASN A 43 -9.88 1.35 0.87
C ASN A 43 -9.41 0.02 1.48
N LYS A 44 -9.65 -0.13 2.79
CA LYS A 44 -9.14 -1.27 3.56
C LYS A 44 -9.66 -2.64 3.07
N ASP A 45 -10.72 -2.65 2.27
CA ASP A 45 -11.33 -3.90 1.81
C ASP A 45 -10.61 -4.48 0.58
N GLN A 46 -9.96 -3.63 -0.20
CA GLN A 46 -9.30 -4.05 -1.45
C GLN A 46 -7.97 -4.76 -1.19
N VAL A 47 -7.30 -4.42 -0.08
CA VAL A 47 -5.98 -4.99 0.24
C VAL A 47 -6.07 -6.45 0.71
N ARG A 48 -5.54 -7.36 -0.09
CA ARG A 48 -5.49 -8.78 0.26
C ARG A 48 -4.29 -9.10 1.17
N THR A 49 -3.09 -8.90 0.62
CA THR A 49 -1.84 -9.21 1.33
C THR A 49 -0.82 -8.06 1.23
N VAL A 50 0.03 -7.94 2.25
CA VAL A 50 1.05 -6.87 2.30
C VAL A 50 2.45 -7.45 2.57
N LYS A 51 3.38 -7.28 1.62
CA LYS A 51 4.74 -7.80 1.76
C LYS A 51 5.80 -6.71 1.53
N ASP A 52 6.81 -6.65 2.41
CA ASP A 52 7.93 -5.73 2.23
C ASP A 52 9.00 -6.33 1.30
N LEU A 53 9.38 -5.58 0.27
CA LEU A 53 10.32 -6.04 -0.76
C LEU A 53 11.72 -6.33 -0.18
N LEU A 54 12.03 -5.72 0.97
CA LEU A 54 13.34 -5.88 1.61
C LEU A 54 13.57 -7.31 2.14
N GLU A 55 12.49 -8.05 2.36
CA GLU A 55 12.58 -9.40 2.91
C GLU A 55 12.45 -10.49 1.82
N MET A 1 11.36 4.39 9.10
CA MET A 1 12.24 4.45 7.89
C MET A 1 11.47 4.09 6.62
N ALA A 2 12.10 4.31 5.47
CA ALA A 2 11.45 4.06 4.17
C ALA A 2 11.97 2.78 3.50
N SER A 3 11.05 1.87 3.19
CA SER A 3 11.38 0.64 2.47
C SER A 3 10.26 0.26 1.51
N PRO A 4 10.58 -0.09 0.26
CA PRO A 4 9.56 -0.44 -0.75
C PRO A 4 8.70 -1.65 -0.33
N THR A 5 7.38 -1.49 -0.43
CA THR A 5 6.43 -2.54 -0.02
C THR A 5 5.36 -2.78 -1.10
N VAL A 6 5.06 -4.05 -1.38
CA VAL A 6 4.04 -4.40 -2.39
C VAL A 6 2.68 -4.73 -1.74
N ILE A 7 1.65 -4.00 -2.16
CA ILE A 7 0.29 -4.24 -1.67
C ILE A 7 -0.51 -5.07 -2.69
N THR A 8 -0.81 -6.32 -2.33
CA THR A 8 -1.59 -7.20 -3.21
C THR A 8 -3.09 -7.06 -2.90
N LEU A 9 -3.87 -6.75 -3.93
CA LEU A 9 -5.31 -6.49 -3.76
C LEU A 9 -6.14 -7.78 -3.93
N ASN A 10 -7.35 -7.79 -3.36
CA ASN A 10 -8.28 -8.91 -3.49
C ASN A 10 -8.55 -9.22 -4.98
N ASP A 11 -8.50 -8.18 -5.80
CA ASP A 11 -8.62 -8.31 -7.26
C ASP A 11 -7.55 -9.24 -7.84
N GLY A 12 -6.34 -9.16 -7.28
CA GLY A 12 -5.19 -9.89 -7.83
C GLY A 12 -4.06 -8.95 -8.24
N ARG A 13 -4.40 -7.70 -8.51
CA ARG A 13 -3.42 -6.67 -8.88
C ARG A 13 -2.45 -6.35 -7.73
N GLU A 14 -1.18 -6.15 -8.06
CA GLU A 14 -0.16 -5.79 -7.07
C GLU A 14 0.33 -4.34 -7.27
N ILE A 15 0.36 -3.55 -6.20
CA ILE A 15 0.84 -2.17 -6.26
C ILE A 15 2.19 -2.03 -5.52
N GLN A 16 3.18 -1.44 -6.18
CA GLN A 16 4.53 -1.31 -5.61
C GLN A 16 4.76 0.10 -5.02
N ALA A 17 4.89 0.19 -3.70
CA ALA A 17 5.11 1.47 -3.01
C ALA A 17 6.57 1.62 -2.54
N VAL A 18 7.00 2.87 -2.28
CA VAL A 18 8.38 3.16 -1.86
C VAL A 18 8.55 3.15 -0.34
N ASP A 19 7.45 3.27 0.39
CA ASP A 19 7.47 3.23 1.86
C ASP A 19 6.37 2.32 2.43
N THR A 20 6.35 2.15 3.74
CA THR A 20 5.43 1.20 4.40
C THR A 20 4.01 1.78 4.50
N PRO A 21 2.98 1.03 4.03
CA PRO A 21 1.59 1.52 3.97
C PRO A 21 1.01 1.90 5.33
N LYS A 22 0.52 3.13 5.41
CA LYS A 22 -0.11 3.68 6.62
C LYS A 22 -1.63 3.49 6.58
N TYR A 23 -2.24 3.19 7.73
CA TYR A 23 -3.71 3.03 7.79
C TYR A 23 -4.37 4.18 8.56
N ASP A 24 -5.43 4.72 7.99
CA ASP A 24 -6.23 5.76 8.66
C ASP A 24 -7.63 5.22 9.01
N GLU A 25 -7.93 5.10 10.30
CA GLU A 25 -9.21 4.53 10.76
C GLU A 25 -10.38 5.50 10.50
N GLU A 26 -10.12 6.80 10.63
CA GLU A 26 -11.15 7.83 10.46
C GLU A 26 -11.78 7.78 9.06
N SER A 27 -10.93 7.77 8.03
CA SER A 27 -11.39 7.73 6.64
C SER A 27 -11.54 6.28 6.14
N GLY A 28 -10.82 5.35 6.76
CA GLY A 28 -10.94 3.94 6.40
C GLY A 28 -10.05 3.53 5.23
N PHE A 29 -9.15 4.42 4.83
CA PHE A 29 -8.26 4.17 3.68
C PHE A 29 -6.80 3.96 4.11
N TYR A 30 -6.00 3.41 3.20
CA TYR A 30 -4.56 3.28 3.41
C TYR A 30 -3.80 4.37 2.64
N GLU A 31 -2.80 4.98 3.29
CA GLU A 31 -1.94 5.97 2.65
C GLU A 31 -0.64 5.30 2.18
N PHE A 32 -0.39 5.32 0.88
CA PHE A 32 0.83 4.72 0.32
C PHE A 32 1.36 5.55 -0.87
N LYS A 33 2.65 5.41 -1.14
CA LYS A 33 3.30 6.18 -2.20
C LYS A 33 3.87 5.26 -3.29
N GLN A 34 3.27 5.30 -4.47
CA GLN A 34 3.72 4.49 -5.62
C GLN A 34 5.17 4.84 -6.01
N LEU A 35 5.82 3.93 -6.74
CA LEU A 35 7.22 4.13 -7.18
C LEU A 35 7.43 5.47 -7.90
N ASP A 36 6.38 6.00 -8.51
CA ASP A 36 6.44 7.29 -9.21
C ASP A 36 6.46 8.49 -8.24
N GLY A 37 6.52 8.21 -6.93
CA GLY A 37 6.47 9.26 -5.94
C GLY A 37 5.06 9.83 -5.76
N LYS A 38 4.07 9.05 -6.16
CA LYS A 38 2.66 9.45 -6.08
C LYS A 38 1.96 8.85 -4.85
N GLN A 39 1.54 9.69 -3.90
CA GLN A 39 0.83 9.21 -2.72
C GLN A 39 -0.69 9.23 -2.95
N THR A 40 -1.35 8.09 -2.74
CA THR A 40 -2.80 7.98 -2.92
C THR A 40 -3.39 7.00 -1.90
N ARG A 41 -4.73 7.02 -1.76
CA ARG A 41 -5.40 6.19 -0.75
C ARG A 41 -6.29 5.11 -1.38
N ILE A 42 -6.28 3.92 -0.78
CA ILE A 42 -7.15 2.80 -1.22
C ILE A 42 -7.93 2.23 -0.02
N ASN A 43 -9.17 1.79 -0.25
CA ASN A 43 -10.04 1.35 0.85
C ASN A 43 -9.55 0.05 1.50
N LYS A 44 -9.80 -0.05 2.80
CA LYS A 44 -9.37 -1.17 3.64
C LYS A 44 -9.80 -2.56 3.11
N ASP A 45 -10.91 -2.61 2.37
CA ASP A 45 -11.46 -3.90 1.90
C ASP A 45 -10.69 -4.47 0.70
N GLN A 46 -9.98 -3.60 -0.03
CA GLN A 46 -9.27 -4.00 -1.25
C GLN A 46 -7.94 -4.74 -0.94
N VAL A 47 -7.35 -4.50 0.22
CA VAL A 47 -6.05 -5.08 0.54
C VAL A 47 -6.14 -6.59 0.89
N ARG A 48 -5.56 -7.42 0.03
CA ARG A 48 -5.47 -8.87 0.27
C ARG A 48 -4.27 -9.20 1.18
N THR A 49 -3.06 -8.87 0.72
CA THR A 49 -1.82 -9.10 1.49
C THR A 49 -0.85 -7.90 1.37
N VAL A 50 0.00 -7.73 2.39
CA VAL A 50 1.03 -6.68 2.37
C VAL A 50 2.41 -7.25 2.67
N LYS A 51 3.28 -7.32 1.66
CA LYS A 51 4.65 -7.85 1.84
C LYS A 51 5.70 -6.82 1.41
N ASP A 52 6.83 -6.82 2.11
CA ASP A 52 7.91 -5.87 1.83
C ASP A 52 8.81 -6.35 0.68
N LEU A 53 9.19 -5.42 -0.21
CA LEU A 53 10.09 -5.72 -1.32
C LEU A 53 11.54 -5.85 -0.83
N LEU A 54 11.85 -5.22 0.31
CA LEU A 54 13.16 -5.37 0.96
C LEU A 54 13.02 -5.97 2.36
N GLU A 55 13.01 -7.30 2.43
CA GLU A 55 12.92 -8.01 3.72
C GLU A 55 14.31 -8.15 4.36
N MET A 1 14.63 5.48 6.06
CA MET A 1 13.88 4.26 6.51
C MET A 1 12.72 3.92 5.56
N ALA A 2 12.76 4.45 4.33
CA ALA A 2 11.73 4.16 3.34
C ALA A 2 11.85 2.72 2.81
N SER A 3 11.25 1.78 3.51
CA SER A 3 11.23 0.37 3.10
C SER A 3 10.14 0.12 2.04
N PRO A 4 10.53 -0.21 0.79
CA PRO A 4 9.56 -0.47 -0.30
C PRO A 4 8.58 -1.60 0.04
N THR A 5 7.29 -1.36 -0.18
CA THR A 5 6.23 -2.31 0.21
C THR A 5 5.30 -2.65 -0.96
N VAL A 6 5.01 -3.93 -1.16
CA VAL A 6 4.07 -4.35 -2.21
C VAL A 6 2.70 -4.71 -1.61
N ILE A 7 1.65 -4.07 -2.11
CA ILE A 7 0.28 -4.31 -1.63
C ILE A 7 -0.52 -5.11 -2.67
N THR A 8 -0.79 -6.37 -2.36
CA THR A 8 -1.61 -7.23 -3.23
C THR A 8 -3.10 -7.02 -2.95
N LEU A 9 -3.84 -6.59 -3.96
CA LEU A 9 -5.29 -6.40 -3.82
C LEU A 9 -6.05 -7.70 -4.11
N ASN A 10 -7.26 -7.83 -3.56
CA ASN A 10 -8.11 -9.02 -3.77
C ASN A 10 -8.46 -9.15 -5.27
N ASP A 11 -8.47 -8.01 -5.96
CA ASP A 11 -8.65 -7.97 -7.41
C ASP A 11 -7.57 -8.79 -8.14
N GLY A 12 -6.38 -8.90 -7.54
CA GLY A 12 -5.26 -9.60 -8.17
C GLY A 12 -4.12 -8.65 -8.55
N ARG A 13 -4.38 -7.35 -8.49
CA ARG A 13 -3.38 -6.33 -8.82
C ARG A 13 -2.43 -6.07 -7.64
N GLU A 14 -1.13 -6.09 -7.90
CA GLU A 14 -0.12 -5.78 -6.89
C GLU A 14 0.48 -4.39 -7.11
N ILE A 15 0.53 -3.58 -6.06
CA ILE A 15 1.03 -2.21 -6.14
C ILE A 15 2.33 -2.04 -5.35
N GLN A 16 3.41 -1.63 -6.03
CA GLN A 16 4.70 -1.42 -5.36
C GLN A 16 4.90 0.04 -4.91
N ALA A 17 5.03 0.23 -3.60
CA ALA A 17 5.27 1.54 -3.01
C ALA A 17 6.73 1.69 -2.53
N VAL A 18 7.24 2.93 -2.50
CA VAL A 18 8.62 3.18 -2.08
C VAL A 18 8.79 3.14 -0.56
N ASP A 19 7.73 3.46 0.18
CA ASP A 19 7.75 3.42 1.65
C ASP A 19 6.57 2.61 2.22
N THR A 20 6.56 2.44 3.54
CA THR A 20 5.53 1.63 4.21
C THR A 20 4.21 2.41 4.36
N PRO A 21 3.08 1.80 3.98
CA PRO A 21 1.77 2.48 3.97
C PRO A 21 1.23 2.81 5.38
N LYS A 22 0.40 3.84 5.44
CA LYS A 22 -0.27 4.25 6.69
C LYS A 22 -1.78 3.99 6.62
N TYR A 23 -2.30 3.17 7.53
CA TYR A 23 -3.75 2.96 7.63
C TYR A 23 -4.40 4.09 8.43
N ASP A 24 -5.40 4.74 7.85
CA ASP A 24 -6.09 5.82 8.55
C ASP A 24 -7.37 5.30 9.20
N GLU A 25 -7.41 5.34 10.52
CA GLU A 25 -8.48 4.72 11.30
C GLU A 25 -9.82 5.47 11.14
N GLU A 26 -9.74 6.77 10.87
CA GLU A 26 -10.93 7.61 10.70
C GLU A 26 -11.51 7.51 9.28
N SER A 27 -10.64 7.57 8.27
CA SER A 27 -11.07 7.52 6.85
C SER A 27 -11.30 6.08 6.38
N GLY A 28 -10.59 5.12 6.98
CA GLY A 28 -10.73 3.72 6.60
C GLY A 28 -9.91 3.32 5.38
N PHE A 29 -9.03 4.22 4.91
CA PHE A 29 -8.21 3.96 3.73
C PHE A 29 -6.73 3.67 4.10
N TYR A 30 -6.00 3.07 3.16
CA TYR A 30 -4.55 2.92 3.29
C TYR A 30 -3.82 3.97 2.44
N GLU A 31 -2.91 4.71 3.06
CA GLU A 31 -2.13 5.74 2.36
C GLU A 31 -0.75 5.20 1.99
N PHE A 32 -0.43 5.18 0.69
CA PHE A 32 0.85 4.65 0.23
C PHE A 32 1.42 5.46 -0.94
N LYS A 33 2.74 5.54 -1.02
CA LYS A 33 3.44 6.27 -2.08
C LYS A 33 4.06 5.30 -3.09
N GLN A 34 3.50 5.25 -4.30
CA GLN A 34 3.95 4.31 -5.34
C GLN A 34 5.37 4.63 -5.84
N LEU A 35 5.94 3.72 -6.65
CA LEU A 35 7.28 3.91 -7.23
C LEU A 35 7.36 5.19 -8.09
N ASP A 36 6.20 5.66 -8.56
CA ASP A 36 6.12 6.89 -9.35
C ASP A 36 6.09 8.15 -8.47
N GLY A 37 5.89 7.97 -7.16
CA GLY A 37 5.91 9.10 -6.23
C GLY A 37 4.51 9.55 -5.77
N LYS A 38 3.46 8.96 -6.34
CA LYS A 38 2.08 9.31 -5.98
C LYS A 38 1.69 8.72 -4.61
N GLN A 39 1.39 9.58 -3.64
CA GLN A 39 0.84 9.12 -2.36
C GLN A 39 -0.69 8.99 -2.47
N THR A 40 -1.15 7.84 -2.90
CA THR A 40 -2.59 7.61 -3.14
C THR A 40 -3.20 6.72 -2.05
N ARG A 41 -4.53 6.71 -1.99
CA ARG A 41 -5.26 5.98 -0.95
C ARG A 41 -6.28 5.00 -1.53
N ILE A 42 -6.36 3.81 -0.94
CA ILE A 42 -7.34 2.79 -1.35
C ILE A 42 -8.05 2.19 -0.12
N ASN A 43 -9.31 1.81 -0.28
CA ASN A 43 -10.12 1.31 0.84
C ASN A 43 -9.63 -0.06 1.35
N LYS A 44 -9.79 -0.29 2.65
CA LYS A 44 -9.25 -1.50 3.30
C LYS A 44 -9.92 -2.81 2.84
N ASP A 45 -11.07 -2.72 2.18
CA ASP A 45 -11.76 -3.92 1.71
C ASP A 45 -11.14 -4.46 0.40
N GLN A 46 -10.26 -3.67 -0.21
CA GLN A 46 -9.58 -4.05 -1.45
C GLN A 46 -8.25 -4.80 -1.19
N VAL A 47 -7.61 -4.53 -0.06
CA VAL A 47 -6.28 -5.09 0.23
C VAL A 47 -6.34 -6.58 0.62
N ARG A 48 -5.70 -7.42 -0.20
CA ARG A 48 -5.60 -8.86 0.07
C ARG A 48 -4.44 -9.17 1.05
N THR A 49 -3.21 -8.83 0.64
CA THR A 49 -2.02 -9.10 1.46
C THR A 49 -1.00 -7.95 1.37
N VAL A 50 -0.33 -7.65 2.49
CA VAL A 50 0.74 -6.64 2.52
C VAL A 50 2.11 -7.27 2.81
N LYS A 51 3.08 -7.05 1.92
CA LYS A 51 4.44 -7.60 2.10
C LYS A 51 5.52 -6.58 1.72
N ASP A 52 6.71 -6.74 2.29
CA ASP A 52 7.83 -5.84 2.00
C ASP A 52 8.66 -6.35 0.80
N LEU A 53 9.24 -5.41 0.06
CA LEU A 53 10.14 -5.74 -1.05
C LEU A 53 11.58 -5.97 -0.55
N LEU A 54 11.79 -5.75 0.75
CA LEU A 54 13.08 -6.01 1.40
C LEU A 54 12.92 -7.05 2.53
N GLU A 55 12.68 -8.30 2.15
CA GLU A 55 12.52 -9.40 3.13
C GLU A 55 13.89 -10.01 3.51
N MET A 1 11.94 3.61 8.34
CA MET A 1 12.30 4.31 7.08
C MET A 1 11.35 3.91 5.93
N ALA A 2 11.59 4.47 4.74
CA ALA A 2 10.78 4.15 3.57
C ALA A 2 11.39 2.99 2.77
N SER A 3 10.76 1.81 2.86
CA SER A 3 11.22 0.63 2.13
C SER A 3 10.16 0.19 1.11
N PRO A 4 10.54 -0.02 -0.17
CA PRO A 4 9.60 -0.44 -1.23
C PRO A 4 8.72 -1.64 -0.81
N THR A 5 7.41 -1.41 -0.74
CA THR A 5 6.45 -2.44 -0.29
C THR A 5 5.38 -2.72 -1.36
N VAL A 6 5.13 -4.00 -1.64
CA VAL A 6 4.10 -4.38 -2.60
C VAL A 6 2.79 -4.76 -1.89
N ILE A 7 1.67 -4.24 -2.39
CA ILE A 7 0.35 -4.53 -1.84
C ILE A 7 -0.49 -5.38 -2.81
N THR A 8 -0.71 -6.64 -2.47
CA THR A 8 -1.55 -7.52 -3.28
C THR A 8 -3.03 -7.32 -2.94
N LEU A 9 -3.82 -6.89 -3.91
CA LEU A 9 -5.26 -6.65 -3.70
C LEU A 9 -6.08 -7.94 -3.89
N ASN A 10 -7.25 -7.98 -3.27
CA ASN A 10 -8.17 -9.13 -3.41
C ASN A 10 -8.63 -9.29 -4.88
N ASP A 11 -8.53 -8.21 -5.65
CA ASP A 11 -8.88 -8.23 -7.07
C ASP A 11 -7.75 -8.80 -7.94
N GLY A 12 -6.62 -9.14 -7.32
CA GLY A 12 -5.48 -9.74 -8.02
C GLY A 12 -4.38 -8.74 -8.36
N ARG A 13 -4.76 -7.48 -8.51
CA ARG A 13 -3.81 -6.41 -8.84
C ARG A 13 -2.81 -6.15 -7.70
N GLU A 14 -1.54 -5.99 -8.03
CA GLU A 14 -0.51 -5.66 -7.03
C GLU A 14 0.02 -4.23 -7.27
N ILE A 15 0.03 -3.42 -6.21
CA ILE A 15 0.55 -2.04 -6.30
C ILE A 15 1.88 -1.88 -5.56
N GLN A 16 2.88 -1.34 -6.23
CA GLN A 16 4.21 -1.16 -5.65
C GLN A 16 4.41 0.25 -5.06
N ALA A 17 4.66 0.30 -3.76
CA ALA A 17 4.94 1.56 -3.06
C ALA A 17 6.41 1.62 -2.60
N VAL A 18 6.85 2.81 -2.17
CA VAL A 18 8.22 3.01 -1.70
C VAL A 18 8.29 3.06 -0.15
N ASP A 19 7.13 3.04 0.50
CA ASP A 19 7.07 3.05 1.96
C ASP A 19 6.01 2.08 2.50
N THR A 20 5.97 1.94 3.83
CA THR A 20 5.02 1.03 4.49
C THR A 20 3.63 1.67 4.64
N PRO A 21 2.58 1.03 4.07
CA PRO A 21 1.21 1.59 4.05
C PRO A 21 0.61 1.81 5.46
N LYS A 22 0.11 3.03 5.69
CA LYS A 22 -0.55 3.39 6.96
C LYS A 22 -2.06 3.14 6.88
N TYR A 23 -2.67 2.67 7.97
CA TYR A 23 -4.13 2.54 8.02
C TYR A 23 -4.76 3.69 8.82
N ASP A 24 -5.77 4.34 8.24
CA ASP A 24 -6.49 5.42 8.92
C ASP A 24 -8.02 5.24 8.80
N GLU A 25 -8.69 5.03 9.93
CA GLU A 25 -10.15 4.85 9.97
C GLU A 25 -10.89 6.17 9.64
N GLU A 26 -10.29 7.30 10.05
CA GLU A 26 -10.92 8.61 9.85
C GLU A 26 -11.26 8.86 8.36
N SER A 27 -10.39 8.39 7.47
CA SER A 27 -10.66 8.41 6.03
C SER A 27 -11.19 7.05 5.56
N GLY A 28 -10.80 5.98 6.26
CA GLY A 28 -11.21 4.64 5.90
C GLY A 28 -10.29 3.98 4.87
N PHE A 29 -9.15 4.59 4.61
CA PHE A 29 -8.22 4.11 3.56
C PHE A 29 -6.82 3.78 4.11
N TYR A 30 -6.00 3.18 3.25
CA TYR A 30 -4.57 2.98 3.51
C TYR A 30 -3.73 4.02 2.75
N GLU A 31 -2.78 4.66 3.43
CA GLU A 31 -1.91 5.66 2.81
C GLU A 31 -0.56 5.07 2.40
N PHE A 32 -0.24 5.13 1.11
CA PHE A 32 1.04 4.60 0.59
C PHE A 32 1.52 5.41 -0.62
N LYS A 33 2.83 5.54 -0.76
CA LYS A 33 3.43 6.30 -1.86
C LYS A 33 3.94 5.38 -2.97
N GLN A 34 3.32 5.46 -4.14
CA GLN A 34 3.70 4.64 -5.31
C GLN A 34 5.16 4.88 -5.74
N LEU A 35 5.70 3.97 -6.55
CA LEU A 35 7.09 4.08 -7.04
C LEU A 35 7.34 5.45 -7.72
N ASP A 36 6.30 6.00 -8.35
CA ASP A 36 6.40 7.28 -9.04
C ASP A 36 6.49 8.48 -8.07
N GLY A 37 6.48 8.19 -6.76
CA GLY A 37 6.45 9.25 -5.76
C GLY A 37 5.06 9.85 -5.59
N LYS A 38 4.04 9.05 -5.92
CA LYS A 38 2.64 9.49 -5.83
C LYS A 38 1.92 8.84 -4.64
N GLN A 39 1.68 9.63 -3.60
CA GLN A 39 1.05 9.13 -2.37
C GLN A 39 -0.48 9.05 -2.53
N THR A 40 -1.01 7.82 -2.57
CA THR A 40 -2.44 7.59 -2.80
C THR A 40 -3.07 6.75 -1.68
N ARG A 41 -4.41 6.71 -1.65
CA ARG A 41 -5.15 6.01 -0.60
C ARG A 41 -6.16 5.01 -1.19
N ILE A 42 -6.08 3.75 -0.73
CA ILE A 42 -6.99 2.69 -1.22
C ILE A 42 -7.86 2.13 -0.08
N ASN A 43 -9.05 1.60 -0.42
CA ASN A 43 -10.01 1.15 0.59
C ASN A 43 -9.49 -0.04 1.42
N LYS A 44 -9.91 -0.11 2.68
CA LYS A 44 -9.39 -1.08 3.65
C LYS A 44 -9.65 -2.56 3.27
N ASP A 45 -10.75 -2.85 2.59
CA ASP A 45 -11.11 -4.24 2.29
C ASP A 45 -10.41 -4.76 1.02
N GLN A 46 -9.82 -3.86 0.24
CA GLN A 46 -9.15 -4.22 -1.01
C GLN A 46 -7.78 -4.87 -0.77
N VAL A 47 -7.13 -4.51 0.33
CA VAL A 47 -5.78 -5.01 0.63
C VAL A 47 -5.80 -6.47 1.15
N ARG A 48 -5.23 -7.39 0.35
CA ARG A 48 -5.08 -8.78 0.78
C ARG A 48 -3.83 -8.96 1.66
N THR A 49 -2.66 -8.65 1.09
CA THR A 49 -1.37 -8.86 1.77
C THR A 49 -0.47 -7.62 1.73
N VAL A 50 0.53 -7.58 2.61
CA VAL A 50 1.52 -6.49 2.64
C VAL A 50 2.95 -7.06 2.84
N LYS A 51 3.76 -7.05 1.79
CA LYS A 51 5.14 -7.54 1.87
C LYS A 51 6.14 -6.57 1.23
N ASP A 52 7.39 -6.63 1.70
CA ASP A 52 8.45 -5.77 1.16
C ASP A 52 8.97 -6.31 -0.19
N LEU A 53 9.62 -5.44 -0.95
CA LEU A 53 10.30 -5.85 -2.19
C LEU A 53 11.78 -6.16 -1.92
N LEU A 54 12.22 -5.93 -0.68
CA LEU A 54 13.62 -6.14 -0.29
C LEU A 54 13.80 -7.42 0.55
N GLU A 55 12.75 -8.23 0.67
CA GLU A 55 12.80 -9.50 1.42
C GLU A 55 13.08 -10.70 0.49
N MET A 1 12.47 6.93 7.10
CA MET A 1 12.55 5.47 6.90
C MET A 1 11.56 4.99 5.83
N ALA A 2 12.00 4.93 4.58
CA ALA A 2 11.17 4.41 3.50
C ALA A 2 11.50 2.93 3.21
N SER A 3 10.50 2.19 2.75
CA SER A 3 10.66 0.75 2.47
C SER A 3 9.81 0.33 1.27
N PRO A 4 10.37 -0.44 0.32
CA PRO A 4 9.61 -0.94 -0.82
C PRO A 4 8.56 -1.98 -0.40
N THR A 5 7.29 -1.63 -0.56
CA THR A 5 6.18 -2.48 -0.12
C THR A 5 5.23 -2.82 -1.27
N VAL A 6 4.98 -4.11 -1.48
CA VAL A 6 4.01 -4.57 -2.48
C VAL A 6 2.66 -4.88 -1.84
N ILE A 7 1.63 -4.15 -2.24
CA ILE A 7 0.28 -4.34 -1.72
C ILE A 7 -0.59 -5.17 -2.68
N THR A 8 -0.93 -6.39 -2.30
CA THR A 8 -1.79 -7.26 -3.12
C THR A 8 -3.27 -6.94 -2.89
N LEU A 9 -3.97 -6.58 -3.95
CA LEU A 9 -5.40 -6.25 -3.87
C LEU A 9 -6.29 -7.49 -4.06
N ASN A 10 -7.59 -7.32 -3.85
CA ASN A 10 -8.57 -8.40 -4.01
C ASN A 10 -8.46 -9.09 -5.37
N ASP A 11 -8.26 -8.30 -6.42
CA ASP A 11 -8.15 -8.82 -7.80
C ASP A 11 -6.92 -9.72 -8.00
N GLY A 12 -5.97 -9.64 -7.07
CA GLY A 12 -4.67 -10.29 -7.28
C GLY A 12 -3.64 -9.32 -7.85
N ARG A 13 -4.09 -8.09 -8.10
CA ARG A 13 -3.22 -7.02 -8.62
C ARG A 13 -2.25 -6.53 -7.54
N GLU A 14 -0.99 -6.34 -7.93
CA GLU A 14 0.04 -5.89 -7.00
C GLU A 14 0.38 -4.40 -7.19
N ILE A 15 0.46 -3.66 -6.09
CA ILE A 15 0.86 -2.25 -6.12
C ILE A 15 2.26 -2.07 -5.54
N GLN A 16 3.16 -1.46 -6.31
CA GLN A 16 4.55 -1.28 -5.88
C GLN A 16 4.78 0.10 -5.26
N ALA A 17 5.03 0.13 -3.95
CA ALA A 17 5.28 1.38 -3.23
C ALA A 17 6.72 1.47 -2.71
N VAL A 18 7.25 2.70 -2.61
CA VAL A 18 8.58 2.93 -2.04
C VAL A 18 8.50 3.33 -0.56
N ASP A 19 7.28 3.35 -0.03
CA ASP A 19 7.03 3.80 1.34
C ASP A 19 5.97 2.91 2.01
N THR A 20 5.87 2.98 3.34
CA THR A 20 4.97 2.09 4.11
C THR A 20 3.51 2.54 4.06
N PRO A 21 2.56 1.60 3.94
CA PRO A 21 1.12 1.91 3.90
C PRO A 21 0.56 2.35 5.27
N LYS A 22 0.19 3.62 5.36
CA LYS A 22 -0.36 4.21 6.60
C LYS A 22 -1.88 4.01 6.68
N TYR A 23 -2.33 3.16 7.59
CA TYR A 23 -3.76 2.87 7.75
C TYR A 23 -4.45 3.92 8.65
N ASP A 24 -5.47 4.57 8.12
CA ASP A 24 -6.29 5.49 8.91
C ASP A 24 -7.59 4.81 9.37
N GLU A 25 -7.79 4.76 10.68
CA GLU A 25 -8.94 4.07 11.28
C GLU A 25 -10.27 4.79 10.99
N GLU A 26 -10.25 6.11 11.09
CA GLU A 26 -11.45 6.94 10.94
C GLU A 26 -12.00 6.92 9.50
N SER A 27 -11.10 6.96 8.52
CA SER A 27 -11.50 6.99 7.10
C SER A 27 -11.45 5.60 6.46
N GLY A 28 -10.59 4.73 6.98
CA GLY A 28 -10.52 3.35 6.50
C GLY A 28 -9.63 3.16 5.27
N PHE A 29 -8.87 4.19 4.90
CA PHE A 29 -7.98 4.13 3.73
C PHE A 29 -6.51 3.89 4.12
N TYR A 30 -5.75 3.31 3.19
CA TYR A 30 -4.30 3.18 3.35
C TYR A 30 -3.58 4.25 2.51
N GLU A 31 -2.77 5.07 3.16
CA GLU A 31 -2.02 6.14 2.49
C GLU A 31 -0.57 5.71 2.27
N PHE A 32 -0.13 5.66 1.01
CA PHE A 32 1.24 5.22 0.70
C PHE A 32 1.82 5.91 -0.55
N LYS A 33 3.13 5.75 -0.75
CA LYS A 33 3.86 6.41 -1.84
C LYS A 33 4.35 5.37 -2.88
N GLN A 34 3.85 5.46 -4.11
CA GLN A 34 4.20 4.49 -5.17
C GLN A 34 5.61 4.75 -5.74
N LEU A 35 6.09 3.85 -6.61
CA LEU A 35 7.43 3.98 -7.24
C LEU A 35 7.57 5.30 -7.99
N ASP A 36 6.47 5.81 -8.53
CA ASP A 36 6.45 7.08 -9.28
C ASP A 36 6.60 8.29 -8.34
N GLY A 37 6.48 8.05 -7.03
CA GLY A 37 6.46 9.13 -6.05
C GLY A 37 5.06 9.65 -5.77
N LYS A 38 4.11 9.25 -6.62
CA LYS A 38 2.71 9.66 -6.47
C LYS A 38 2.06 9.04 -5.23
N GLN A 39 1.51 9.87 -4.36
CA GLN A 39 0.81 9.40 -3.16
C GLN A 39 -0.64 9.01 -3.50
N THR A 40 -1.12 7.92 -2.91
CA THR A 40 -2.49 7.45 -3.18
C THR A 40 -3.12 6.81 -1.94
N ARG A 41 -4.46 6.79 -1.91
CA ARG A 41 -5.21 6.18 -0.80
C ARG A 41 -6.24 5.17 -1.32
N ILE A 42 -6.24 3.97 -0.77
CA ILE A 42 -7.21 2.92 -1.16
C ILE A 42 -7.89 2.30 0.08
N ASN A 43 -9.18 2.00 -0.02
CA ASN A 43 -9.97 1.55 1.14
C ASN A 43 -9.56 0.15 1.63
N LYS A 44 -9.77 -0.08 2.92
CA LYS A 44 -9.35 -1.31 3.61
C LYS A 44 -9.96 -2.59 3.03
N ASP A 45 -11.00 -2.50 2.22
CA ASP A 45 -11.67 -3.68 1.66
C ASP A 45 -10.88 -4.28 0.48
N GLN A 46 -10.20 -3.42 -0.28
CA GLN A 46 -9.47 -3.87 -1.48
C GLN A 46 -8.13 -4.53 -1.14
N VAL A 47 -7.52 -4.13 -0.02
CA VAL A 47 -6.20 -4.66 0.36
C VAL A 47 -6.31 -6.11 0.88
N ARG A 48 -5.71 -7.05 0.14
CA ARG A 48 -5.66 -8.45 0.55
C ARG A 48 -4.48 -8.70 1.52
N THR A 49 -3.26 -8.39 1.08
CA THR A 49 -2.04 -8.61 1.89
C THR A 49 -1.00 -7.50 1.69
N VAL A 50 -0.42 -7.02 2.80
CA VAL A 50 0.68 -6.04 2.75
C VAL A 50 2.04 -6.73 2.96
N LYS A 51 2.91 -6.67 1.95
CA LYS A 51 4.22 -7.32 2.01
C LYS A 51 5.36 -6.38 1.56
N ASP A 52 6.55 -6.57 2.11
CA ASP A 52 7.75 -5.85 1.64
C ASP A 52 8.44 -6.61 0.50
N LEU A 53 9.09 -5.86 -0.37
CA LEU A 53 9.87 -6.45 -1.47
C LEU A 53 11.22 -6.98 -0.99
N LEU A 54 11.66 -6.52 0.18
CA LEU A 54 12.94 -6.96 0.75
C LEU A 54 12.73 -8.10 1.76
N GLU A 55 12.71 -9.33 1.25
CA GLU A 55 12.55 -10.53 2.08
C GLU A 55 13.92 -11.24 2.30
N MET A 1 12.72 6.54 7.23
CA MET A 1 12.96 5.09 6.96
C MET A 1 11.88 4.52 6.01
N ALA A 2 12.24 4.34 4.74
CA ALA A 2 11.30 3.85 3.72
C ALA A 2 11.84 2.60 3.01
N SER A 3 10.97 1.61 2.85
CA SER A 3 11.34 0.36 2.17
C SER A 3 10.39 0.07 1.01
N PRO A 4 10.86 -0.61 -0.05
CA PRO A 4 9.99 -1.05 -1.15
C PRO A 4 8.94 -2.07 -0.66
N THR A 5 7.67 -1.69 -0.71
CA THR A 5 6.58 -2.53 -0.19
C THR A 5 5.50 -2.80 -1.26
N VAL A 6 5.16 -4.08 -1.46
CA VAL A 6 4.14 -4.45 -2.43
C VAL A 6 2.79 -4.74 -1.75
N ILE A 7 1.78 -3.98 -2.12
CA ILE A 7 0.42 -4.20 -1.61
C ILE A 7 -0.44 -4.92 -2.66
N THR A 8 -0.79 -6.18 -2.38
CA THR A 8 -1.61 -6.96 -3.30
C THR A 8 -3.11 -6.77 -2.99
N LEU A 9 -3.90 -6.47 -4.01
CA LEU A 9 -5.35 -6.29 -3.85
C LEU A 9 -6.08 -7.63 -4.05
N ASN A 10 -7.33 -7.70 -3.59
CA ASN A 10 -8.09 -8.96 -3.58
C ASN A 10 -8.35 -9.50 -5.00
N ASP A 11 -8.34 -8.62 -6.00
CA ASP A 11 -8.58 -9.04 -7.39
C ASP A 11 -7.35 -9.75 -7.99
N GLY A 12 -6.17 -9.50 -7.42
CA GLY A 12 -4.93 -10.07 -7.93
C GLY A 12 -3.93 -9.02 -8.40
N ARG A 13 -4.34 -7.76 -8.41
CA ARG A 13 -3.46 -6.65 -8.80
C ARG A 13 -2.42 -6.34 -7.70
N GLU A 14 -1.15 -6.22 -8.09
CA GLU A 14 -0.09 -5.85 -7.15
C GLU A 14 0.34 -4.39 -7.36
N ILE A 15 0.37 -3.62 -6.26
CA ILE A 15 0.82 -2.23 -6.31
C ILE A 15 2.11 -2.05 -5.51
N GLN A 16 3.18 -1.62 -6.19
CA GLN A 16 4.49 -1.46 -5.55
C GLN A 16 4.70 -0.01 -5.06
N ALA A 17 5.17 0.12 -3.82
CA ALA A 17 5.39 1.44 -3.21
C ALA A 17 6.85 1.61 -2.74
N VAL A 18 7.27 2.88 -2.61
CA VAL A 18 8.61 3.21 -2.10
C VAL A 18 8.55 3.65 -0.62
N ASP A 19 7.35 3.61 -0.05
CA ASP A 19 7.13 3.94 1.37
C ASP A 19 6.21 2.89 2.02
N THR A 20 6.24 2.80 3.35
CA THR A 20 5.37 1.86 4.07
C THR A 20 3.94 2.41 4.22
N PRO A 21 2.92 1.54 4.11
CA PRO A 21 1.51 1.96 4.13
C PRO A 21 0.99 2.32 5.53
N LYS A 22 0.08 3.29 5.58
CA LYS A 22 -0.60 3.69 6.82
C LYS A 22 -2.08 3.29 6.78
N TYR A 23 -2.59 2.66 7.84
CA TYR A 23 -4.05 2.46 7.95
C TYR A 23 -4.68 3.66 8.68
N ASP A 24 -5.58 4.35 7.99
CA ASP A 24 -6.28 5.49 8.60
C ASP A 24 -7.64 5.07 9.13
N GLU A 25 -7.75 4.97 10.45
CA GLU A 25 -8.98 4.53 11.11
C GLU A 25 -10.12 5.56 10.96
N GLU A 26 -9.74 6.82 10.72
CA GLU A 26 -10.73 7.91 10.62
C GLU A 26 -11.60 7.80 9.35
N SER A 27 -11.01 7.40 8.22
CA SER A 27 -11.77 7.28 6.96
C SER A 27 -11.77 5.82 6.43
N GLY A 28 -10.74 5.05 6.75
CA GLY A 28 -10.70 3.65 6.34
C GLY A 28 -9.75 3.36 5.18
N PHE A 29 -8.91 4.33 4.82
CA PHE A 29 -8.01 4.19 3.66
C PHE A 29 -6.57 3.87 4.07
N TYR A 30 -5.82 3.27 3.14
CA TYR A 30 -4.38 3.00 3.31
C TYR A 30 -3.55 4.03 2.55
N GLU A 31 -2.64 4.71 3.26
CA GLU A 31 -1.81 5.77 2.69
C GLU A 31 -0.39 5.26 2.36
N PHE A 32 0.01 5.38 1.10
CA PHE A 32 1.34 4.95 0.65
C PHE A 32 1.79 5.72 -0.59
N LYS A 33 3.09 5.69 -0.87
CA LYS A 33 3.65 6.36 -2.06
C LYS A 33 4.05 5.35 -3.13
N GLN A 34 3.35 5.40 -4.27
CA GLN A 34 3.61 4.49 -5.39
C GLN A 34 5.01 4.70 -6.02
N LEU A 35 5.41 3.77 -6.89
CA LEU A 35 6.70 3.88 -7.60
C LEU A 35 6.82 5.21 -8.37
N ASP A 36 5.69 5.78 -8.76
CA ASP A 36 5.67 7.04 -9.50
C ASP A 36 6.03 8.25 -8.61
N GLY A 37 6.22 8.00 -7.31
CA GLY A 37 6.48 9.09 -6.36
C GLY A 37 5.22 9.85 -6.01
N LYS A 38 4.08 9.16 -6.06
CA LYS A 38 2.78 9.77 -5.81
C LYS A 38 2.09 9.15 -4.57
N GLN A 39 1.55 9.99 -3.70
CA GLN A 39 0.84 9.52 -2.50
C GLN A 39 -0.64 9.30 -2.81
N THR A 40 -1.14 8.09 -2.56
CA THR A 40 -2.55 7.77 -2.79
C THR A 40 -3.16 7.01 -1.60
N ARG A 41 -4.48 6.94 -1.56
CA ARG A 41 -5.20 6.26 -0.47
C ARG A 41 -6.21 5.26 -1.04
N ILE A 42 -6.13 3.99 -0.62
CA ILE A 42 -7.02 2.95 -1.12
C ILE A 42 -7.85 2.31 0.02
N ASN A 43 -9.11 1.97 -0.28
CA ASN A 43 -10.03 1.47 0.75
C ASN A 43 -9.57 0.13 1.36
N LYS A 44 -9.89 -0.07 2.64
CA LYS A 44 -9.41 -1.23 3.41
C LYS A 44 -9.94 -2.57 2.90
N ASP A 45 -11.06 -2.58 2.18
CA ASP A 45 -11.64 -3.85 1.70
C ASP A 45 -10.97 -4.32 0.40
N GLN A 46 -10.16 -3.47 -0.21
CA GLN A 46 -9.47 -3.80 -1.48
C GLN A 46 -8.19 -4.61 -1.23
N VAL A 47 -7.57 -4.41 -0.06
CA VAL A 47 -6.26 -5.01 0.22
C VAL A 47 -6.36 -6.52 0.54
N ARG A 48 -5.64 -7.32 -0.24
CA ARG A 48 -5.49 -8.75 0.02
C ARG A 48 -4.39 -9.00 1.07
N THR A 49 -3.17 -8.61 0.71
CA THR A 49 -1.99 -8.79 1.58
C THR A 49 -1.00 -7.62 1.43
N VAL A 50 -0.30 -7.31 2.52
CA VAL A 50 0.76 -6.28 2.51
C VAL A 50 2.13 -6.92 2.81
N LYS A 51 3.06 -6.80 1.87
CA LYS A 51 4.39 -7.41 2.02
C LYS A 51 5.52 -6.43 1.70
N ASP A 52 6.47 -6.30 2.63
CA ASP A 52 7.71 -5.57 2.36
C ASP A 52 8.63 -6.45 1.50
N LEU A 53 9.18 -5.90 0.43
CA LEU A 53 10.11 -6.63 -0.43
C LEU A 53 11.41 -6.95 0.33
N LEU A 54 11.72 -6.13 1.32
CA LEU A 54 12.84 -6.39 2.23
C LEU A 54 12.35 -7.13 3.47
N GLU A 55 12.23 -8.45 3.36
CA GLU A 55 11.66 -9.28 4.45
C GLU A 55 12.73 -10.17 5.13
N MET A 1 14.86 5.10 6.71
CA MET A 1 14.77 4.86 5.25
C MET A 1 13.43 4.19 4.89
N ALA A 2 12.75 4.74 3.88
CA ALA A 2 11.47 4.17 3.41
C ALA A 2 11.66 2.74 2.89
N SER A 3 10.94 1.79 3.49
CA SER A 3 10.97 0.39 3.04
C SER A 3 9.93 0.15 1.94
N PRO A 4 10.36 -0.28 0.74
CA PRO A 4 9.45 -0.54 -0.39
C PRO A 4 8.46 -1.68 -0.10
N THR A 5 7.16 -1.37 -0.13
CA THR A 5 6.11 -2.36 0.15
C THR A 5 5.21 -2.59 -1.07
N VAL A 6 5.02 -3.86 -1.44
CA VAL A 6 4.07 -4.22 -2.49
C VAL A 6 2.75 -4.71 -1.88
N ILE A 7 1.63 -4.14 -2.35
CA ILE A 7 0.32 -4.49 -1.82
C ILE A 7 -0.51 -5.30 -2.84
N THR A 8 -0.86 -6.52 -2.46
CA THR A 8 -1.78 -7.34 -3.27
C THR A 8 -3.23 -6.97 -2.95
N LEU A 9 -4.03 -6.62 -3.95
CA LEU A 9 -5.41 -6.19 -3.72
C LEU A 9 -6.43 -7.35 -3.79
N ASN A 10 -7.68 -7.03 -3.51
CA ASN A 10 -8.77 -7.99 -3.52
C ASN A 10 -9.02 -8.55 -4.93
N ASP A 11 -8.98 -7.66 -5.92
CA ASP A 11 -9.17 -8.06 -7.32
C ASP A 11 -7.98 -8.87 -7.87
N GLY A 12 -6.82 -8.71 -7.25
CA GLY A 12 -5.62 -9.43 -7.68
C GLY A 12 -4.47 -8.50 -8.10
N ARG A 13 -4.78 -7.25 -8.39
CA ARG A 13 -3.74 -6.27 -8.77
C ARG A 13 -2.75 -6.01 -7.62
N GLU A 14 -1.47 -5.97 -7.94
CA GLU A 14 -0.43 -5.63 -6.95
C GLU A 14 0.19 -4.26 -7.26
N ILE A 15 0.35 -3.42 -6.24
CA ILE A 15 0.96 -2.09 -6.40
C ILE A 15 2.27 -1.98 -5.61
N GLN A 16 3.36 -1.65 -6.31
CA GLN A 16 4.67 -1.47 -5.66
C GLN A 16 4.84 -0.04 -5.12
N ALA A 17 4.98 0.09 -3.80
CA ALA A 17 5.20 1.38 -3.15
C ALA A 17 6.62 1.49 -2.58
N VAL A 18 7.21 2.67 -2.68
CA VAL A 18 8.56 2.92 -2.13
C VAL A 18 8.54 3.20 -0.63
N ASP A 19 7.35 3.41 -0.10
CA ASP A 19 7.16 3.71 1.33
C ASP A 19 6.10 2.76 1.93
N THR A 20 6.13 2.57 3.25
CA THR A 20 5.23 1.62 3.91
C THR A 20 3.81 2.20 4.10
N PRO A 21 2.77 1.35 3.96
CA PRO A 21 1.37 1.81 4.03
C PRO A 21 0.92 2.22 5.45
N LYS A 22 0.29 3.40 5.53
CA LYS A 22 -0.30 3.89 6.78
C LYS A 22 -1.83 3.72 6.75
N TYR A 23 -2.41 3.18 7.81
CA TYR A 23 -3.87 3.01 7.89
C TYR A 23 -4.55 4.24 8.51
N ASP A 24 -5.50 4.83 7.79
CA ASP A 24 -6.30 5.93 8.32
C ASP A 24 -7.64 5.40 8.83
N GLU A 25 -7.79 5.34 10.14
CA GLU A 25 -8.99 4.76 10.77
C GLU A 25 -10.23 5.64 10.55
N GLU A 26 -10.02 6.92 10.28
CA GLU A 26 -11.11 7.88 10.08
C GLU A 26 -11.89 7.59 8.79
N SER A 27 -11.15 7.38 7.69
CA SER A 27 -11.77 7.13 6.37
C SER A 27 -11.78 5.65 6.01
N GLY A 28 -10.82 4.89 6.54
CA GLY A 28 -10.73 3.46 6.24
C GLY A 28 -9.82 3.15 5.05
N PHE A 29 -9.12 4.17 4.57
CA PHE A 29 -8.19 4.02 3.44
C PHE A 29 -6.75 3.78 3.90
N TYR A 30 -5.95 3.14 3.06
CA TYR A 30 -4.51 2.99 3.29
C TYR A 30 -3.70 3.97 2.46
N GLU A 31 -2.78 4.68 3.10
CA GLU A 31 -1.92 5.67 2.44
C GLU A 31 -0.55 5.06 2.11
N PHE A 32 -0.21 5.02 0.83
CA PHE A 32 1.10 4.48 0.41
C PHE A 32 1.68 5.25 -0.78
N LYS A 33 3.00 5.43 -0.76
CA LYS A 33 3.70 6.21 -1.80
C LYS A 33 4.23 5.30 -2.92
N GLN A 34 3.64 5.41 -4.11
CA GLN A 34 4.05 4.61 -5.27
C GLN A 34 5.49 4.93 -5.73
N LEU A 35 5.98 4.15 -6.69
CA LEU A 35 7.35 4.28 -7.19
C LEU A 35 7.74 5.72 -7.56
N ASP A 36 6.86 6.43 -8.26
CA ASP A 36 7.11 7.81 -8.72
C ASP A 36 6.89 8.85 -7.61
N GLY A 37 6.80 8.40 -6.36
CA GLY A 37 6.49 9.31 -5.25
C GLY A 37 5.02 9.67 -5.19
N LYS A 38 4.20 8.96 -5.98
CA LYS A 38 2.77 9.22 -6.08
C LYS A 38 1.98 8.60 -4.92
N GLN A 39 1.55 9.43 -3.98
CA GLN A 39 0.72 8.95 -2.87
C GLN A 39 -0.71 8.65 -3.35
N THR A 40 -1.17 7.44 -3.12
CA THR A 40 -2.54 7.04 -3.47
C THR A 40 -3.18 6.24 -2.32
N ARG A 41 -4.51 6.17 -2.30
CA ARG A 41 -5.23 5.53 -1.20
C ARG A 41 -6.34 4.59 -1.70
N ILE A 42 -6.51 3.47 -1.02
CA ILE A 42 -7.58 2.51 -1.35
C ILE A 42 -8.18 1.92 -0.05
N ASN A 43 -9.45 1.51 -0.11
CA ASN A 43 -10.18 1.08 1.09
C ASN A 43 -9.58 -0.17 1.75
N LYS A 44 -9.80 -0.30 3.06
CA LYS A 44 -9.21 -1.39 3.87
C LYS A 44 -9.72 -2.79 3.49
N ASP A 45 -10.83 -2.86 2.74
CA ASP A 45 -11.37 -4.16 2.32
C ASP A 45 -10.70 -4.68 1.05
N GLN A 46 -9.92 -3.83 0.40
CA GLN A 46 -9.24 -4.18 -0.84
C GLN A 46 -7.85 -4.77 -0.60
N VAL A 47 -7.21 -4.39 0.51
CA VAL A 47 -5.87 -4.89 0.82
C VAL A 47 -5.91 -6.40 1.20
N ARG A 48 -5.35 -7.23 0.33
CA ARG A 48 -5.27 -8.67 0.57
C ARG A 48 -4.07 -9.03 1.46
N THR A 49 -2.86 -8.74 0.97
CA THR A 49 -1.62 -9.07 1.69
C THR A 49 -0.56 -7.96 1.54
N VAL A 50 0.08 -7.61 2.64
CA VAL A 50 1.15 -6.59 2.66
C VAL A 50 2.54 -7.26 2.79
N LYS A 51 3.43 -6.97 1.86
CA LYS A 51 4.80 -7.52 1.87
C LYS A 51 5.84 -6.48 1.39
N ASP A 52 7.03 -6.48 1.98
CA ASP A 52 8.12 -5.61 1.54
C ASP A 52 8.93 -6.25 0.40
N LEU A 53 9.37 -5.43 -0.55
CA LEU A 53 10.20 -5.90 -1.67
C LEU A 53 11.59 -6.34 -1.20
N LEU A 54 11.99 -5.88 -0.01
CA LEU A 54 13.28 -6.27 0.57
C LEU A 54 13.21 -7.65 1.25
N GLU A 55 12.03 -8.25 1.26
CA GLU A 55 11.82 -9.59 1.83
C GLU A 55 12.28 -10.70 0.87
N MET A 1 11.68 5.57 8.17
CA MET A 1 12.45 5.26 6.94
C MET A 1 11.56 4.61 5.86
N ALA A 2 11.89 4.86 4.59
CA ALA A 2 11.13 4.29 3.48
C ALA A 2 11.54 2.83 3.20
N SER A 3 10.69 2.09 2.52
CA SER A 3 10.93 0.66 2.26
C SER A 3 10.05 0.16 1.11
N PRO A 4 10.66 -0.32 0.00
CA PRO A 4 9.92 -0.88 -1.14
C PRO A 4 8.94 -1.99 -0.69
N THR A 5 7.65 -1.74 -0.87
CA THR A 5 6.59 -2.65 -0.38
C THR A 5 5.55 -2.92 -1.48
N VAL A 6 5.07 -4.16 -1.54
CA VAL A 6 4.04 -4.53 -2.52
C VAL A 6 2.66 -4.70 -1.87
N ILE A 7 1.71 -3.87 -2.28
CA ILE A 7 0.34 -3.98 -1.80
C ILE A 7 -0.49 -4.85 -2.74
N THR A 8 -0.76 -6.08 -2.32
CA THR A 8 -1.55 -7.01 -3.13
C THR A 8 -3.06 -6.81 -2.87
N LEU A 9 -3.80 -6.47 -3.91
CA LEU A 9 -5.25 -6.28 -3.80
C LEU A 9 -5.99 -7.64 -3.89
N ASN A 10 -7.21 -7.69 -3.35
CA ASN A 10 -7.97 -8.94 -3.26
C ASN A 10 -8.24 -9.56 -4.64
N ASP A 11 -8.48 -8.72 -5.64
CA ASP A 11 -8.72 -9.19 -7.00
C ASP A 11 -7.44 -9.70 -7.69
N GLY A 12 -6.28 -9.49 -7.05
CA GLY A 12 -5.02 -10.02 -7.58
C GLY A 12 -3.96 -8.97 -7.89
N ARG A 13 -4.39 -7.78 -8.33
CA ARG A 13 -3.44 -6.72 -8.74
C ARG A 13 -2.40 -6.41 -7.64
N GLU A 14 -1.14 -6.29 -8.03
CA GLU A 14 -0.06 -5.92 -7.11
C GLU A 14 0.37 -4.47 -7.35
N ILE A 15 0.44 -3.69 -6.27
CA ILE A 15 0.86 -2.28 -6.36
C ILE A 15 2.23 -2.05 -5.70
N GLN A 16 3.13 -1.38 -6.42
CA GLN A 16 4.49 -1.14 -5.93
C GLN A 16 4.63 0.26 -5.29
N ALA A 17 4.99 0.28 -4.00
CA ALA A 17 5.17 1.53 -3.26
C ALA A 17 6.60 1.64 -2.69
N VAL A 18 7.08 2.87 -2.49
CA VAL A 18 8.42 3.10 -1.94
C VAL A 18 8.41 3.11 -0.40
N ASP A 19 7.22 3.12 0.19
CA ASP A 19 7.06 3.05 1.65
C ASP A 19 5.82 2.23 2.04
N THR A 20 5.73 1.87 3.33
CA THR A 20 4.63 1.04 3.82
C THR A 20 3.36 1.85 4.09
N PRO A 21 2.18 1.32 3.73
CA PRO A 21 0.90 2.04 3.84
C PRO A 21 0.40 2.21 5.30
N LYS A 22 0.13 3.46 5.69
CA LYS A 22 -0.43 3.76 7.01
C LYS A 22 -1.96 3.64 6.99
N TYR A 23 -2.56 3.10 8.05
CA TYR A 23 -4.03 2.96 8.11
C TYR A 23 -4.68 4.09 8.93
N ASP A 24 -5.70 4.71 8.35
CA ASP A 24 -6.52 5.72 9.05
C ASP A 24 -7.92 5.15 9.34
N GLU A 25 -8.23 4.91 10.61
CA GLU A 25 -9.51 4.29 10.99
C GLU A 25 -10.73 5.13 10.58
N GLU A 26 -10.59 6.45 10.66
CA GLU A 26 -11.71 7.37 10.36
C GLU A 26 -12.14 7.29 8.89
N SER A 27 -11.17 7.45 7.99
CA SER A 27 -11.45 7.43 6.54
C SER A 27 -11.47 6.00 5.98
N GLY A 28 -10.73 5.10 6.62
CA GLY A 28 -10.66 3.71 6.19
C GLY A 28 -9.67 3.46 5.06
N PHE A 29 -8.85 4.47 4.75
CA PHE A 29 -7.89 4.37 3.65
C PHE A 29 -6.46 4.13 4.14
N TYR A 30 -5.63 3.55 3.27
CA TYR A 30 -4.20 3.40 3.52
C TYR A 30 -3.39 4.46 2.75
N GLU A 31 -2.42 5.07 3.41
CA GLU A 31 -1.57 6.08 2.78
C GLU A 31 -0.22 5.47 2.33
N PHE A 32 0.05 5.51 1.04
CA PHE A 32 1.30 4.97 0.50
C PHE A 32 1.78 5.75 -0.73
N LYS A 33 3.08 5.76 -0.94
CA LYS A 33 3.69 6.50 -2.06
C LYS A 33 4.18 5.55 -3.16
N GLN A 34 3.53 5.59 -4.33
CA GLN A 34 3.90 4.73 -5.46
C GLN A 34 5.31 5.06 -5.99
N LEU A 35 5.88 4.15 -6.79
CA LEU A 35 7.26 4.29 -7.31
C LEU A 35 7.51 5.64 -8.02
N ASP A 36 6.46 6.21 -8.62
CA ASP A 36 6.58 7.49 -9.34
C ASP A 36 6.63 8.69 -8.37
N GLY A 37 6.33 8.44 -7.10
CA GLY A 37 6.23 9.52 -6.11
C GLY A 37 4.77 9.85 -5.78
N LYS A 38 3.85 9.23 -6.51
CA LYS A 38 2.41 9.46 -6.35
C LYS A 38 1.89 8.88 -5.02
N GLN A 39 1.69 9.75 -4.03
CA GLN A 39 1.12 9.32 -2.75
C GLN A 39 -0.41 9.24 -2.83
N THR A 40 -0.95 8.02 -2.85
CA THR A 40 -2.39 7.81 -3.01
C THR A 40 -2.97 6.98 -1.85
N ARG A 41 -4.30 7.00 -1.74
CA ARG A 41 -5.01 6.32 -0.64
C ARG A 41 -6.06 5.33 -1.16
N ILE A 42 -6.06 4.11 -0.61
CA ILE A 42 -7.02 3.07 -1.02
C ILE A 42 -7.70 2.42 0.20
N ASN A 43 -8.96 2.02 0.05
CA ASN A 43 -9.75 1.52 1.18
C ASN A 43 -9.31 0.12 1.64
N LYS A 44 -9.52 -0.17 2.93
CA LYS A 44 -9.10 -1.42 3.55
C LYS A 44 -9.67 -2.69 2.87
N ASP A 45 -10.88 -2.59 2.31
CA ASP A 45 -11.54 -3.76 1.73
C ASP A 45 -10.84 -4.27 0.45
N GLN A 46 -9.92 -3.47 -0.07
CA GLN A 46 -9.19 -3.82 -1.29
C GLN A 46 -7.91 -4.64 -1.00
N VAL A 47 -7.32 -4.46 0.18
CA VAL A 47 -6.02 -5.09 0.48
C VAL A 47 -6.15 -6.59 0.80
N ARG A 48 -5.50 -7.40 -0.02
CA ARG A 48 -5.42 -8.85 0.17
C ARG A 48 -4.31 -9.21 1.18
N THR A 49 -3.08 -8.81 0.87
CA THR A 49 -1.90 -9.09 1.70
C THR A 49 -0.87 -7.96 1.61
N VAL A 50 -0.33 -7.54 2.75
CA VAL A 50 0.72 -6.52 2.79
C VAL A 50 2.10 -7.15 3.05
N LYS A 51 2.96 -7.11 2.04
CA LYS A 51 4.32 -7.70 2.14
C LYS A 51 5.38 -6.73 1.59
N ASP A 52 6.54 -6.70 2.26
CA ASP A 52 7.68 -5.92 1.78
C ASP A 52 8.31 -6.59 0.54
N LEU A 53 9.01 -5.81 -0.28
CA LEU A 53 9.76 -6.36 -1.40
C LEU A 53 11.16 -6.82 -0.94
N LEU A 54 11.49 -6.52 0.32
CA LEU A 54 12.77 -6.90 0.90
C LEU A 54 12.62 -8.06 1.90
N GLU A 55 11.80 -9.05 1.54
CA GLU A 55 11.60 -10.23 2.41
C GLU A 55 12.80 -11.20 2.36
N MET A 1 11.65 4.69 8.54
CA MET A 1 12.49 4.21 7.40
C MET A 1 11.61 3.77 6.23
N ALA A 2 11.70 4.48 5.11
CA ALA A 2 10.93 4.14 3.90
C ALA A 2 11.41 2.82 3.29
N SER A 3 10.66 1.75 3.53
CA SER A 3 10.97 0.43 2.99
C SER A 3 10.02 0.06 1.85
N PRO A 4 10.56 -0.17 0.63
CA PRO A 4 9.75 -0.51 -0.55
C PRO A 4 8.77 -1.66 -0.27
N THR A 5 7.47 -1.39 -0.45
CA THR A 5 6.41 -2.35 -0.10
C THR A 5 5.48 -2.62 -1.29
N VAL A 6 5.19 -3.90 -1.56
CA VAL A 6 4.21 -4.26 -2.59
C VAL A 6 2.85 -4.59 -1.96
N ILE A 7 1.80 -3.91 -2.40
CA ILE A 7 0.45 -4.14 -1.90
C ILE A 7 -0.37 -4.97 -2.90
N THR A 8 -0.82 -6.15 -2.45
CA THR A 8 -1.66 -7.02 -3.28
C THR A 8 -3.15 -6.87 -2.91
N LEU A 9 -3.95 -6.44 -3.86
CA LEU A 9 -5.39 -6.24 -3.66
C LEU A 9 -6.16 -7.56 -3.84
N ASN A 10 -7.44 -7.57 -3.44
CA ASN A 10 -8.28 -8.77 -3.52
C ASN A 10 -8.48 -9.22 -4.98
N ASP A 11 -8.45 -8.27 -5.91
CA ASP A 11 -8.52 -8.57 -7.35
C ASP A 11 -7.31 -9.43 -7.81
N GLY A 12 -6.26 -9.47 -7.00
CA GLY A 12 -5.00 -10.06 -7.42
C GLY A 12 -4.07 -9.03 -8.04
N ARG A 13 -4.50 -7.77 -7.99
CA ARG A 13 -3.75 -6.63 -8.52
C ARG A 13 -2.61 -6.23 -7.57
N GLU A 14 -1.43 -5.96 -8.11
CA GLU A 14 -0.27 -5.59 -7.29
C GLU A 14 0.23 -4.17 -7.60
N ILE A 15 0.41 -3.36 -6.56
CA ILE A 15 0.95 -2.01 -6.70
C ILE A 15 2.22 -1.85 -5.84
N GLN A 16 3.29 -1.33 -6.44
CA GLN A 16 4.57 -1.16 -5.74
C GLN A 16 4.73 0.24 -5.14
N ALA A 17 5.05 0.29 -3.85
CA ALA A 17 5.23 1.57 -3.12
C ALA A 17 6.63 1.67 -2.50
N VAL A 18 7.03 2.87 -2.11
CA VAL A 18 8.36 3.12 -1.54
C VAL A 18 8.35 3.08 0.00
N ASP A 19 7.16 3.20 0.61
CA ASP A 19 7.04 3.20 2.06
C ASP A 19 6.01 2.17 2.55
N THR A 20 5.96 2.00 3.87
CA THR A 20 4.97 1.11 4.50
C THR A 20 3.60 1.82 4.60
N PRO A 21 2.55 1.27 3.96
CA PRO A 21 1.22 1.91 3.88
C PRO A 21 0.68 2.37 5.24
N LYS A 22 0.15 3.60 5.26
CA LYS A 22 -0.46 4.18 6.46
C LYS A 22 -1.94 3.77 6.56
N TYR A 23 -2.32 3.18 7.69
CA TYR A 23 -3.70 2.78 7.92
C TYR A 23 -4.43 3.80 8.80
N ASP A 24 -5.35 4.55 8.21
CA ASP A 24 -6.14 5.53 8.96
C ASP A 24 -7.52 4.95 9.31
N GLU A 25 -7.73 4.68 10.60
CA GLU A 25 -8.98 4.07 11.07
C GLU A 25 -10.18 4.99 10.85
N GLU A 26 -9.99 6.28 11.06
CA GLU A 26 -11.08 7.25 10.97
C GLU A 26 -11.69 7.32 9.55
N SER A 27 -10.83 7.33 8.54
CA SER A 27 -11.28 7.41 7.14
C SER A 27 -11.47 6.01 6.52
N GLY A 28 -10.73 5.02 7.01
CA GLY A 28 -10.85 3.66 6.49
C GLY A 28 -9.99 3.39 5.26
N PHE A 29 -9.07 4.31 4.94
CA PHE A 29 -8.22 4.19 3.75
C PHE A 29 -6.76 3.85 4.09
N TYR A 30 -6.06 3.24 3.13
CA TYR A 30 -4.61 3.03 3.19
C TYR A 30 -3.89 4.06 2.31
N GLU A 31 -2.89 4.73 2.88
CA GLU A 31 -2.11 5.73 2.15
C GLU A 31 -0.69 5.22 1.84
N PHE A 32 -0.31 5.18 0.58
CA PHE A 32 1.01 4.68 0.17
C PHE A 32 1.55 5.43 -1.06
N LYS A 33 2.86 5.67 -1.08
CA LYS A 33 3.50 6.37 -2.20
C LYS A 33 4.14 5.39 -3.18
N GLN A 34 3.61 5.35 -4.41
CA GLN A 34 4.12 4.48 -5.47
C GLN A 34 5.59 4.79 -5.80
N LEU A 35 6.25 3.88 -6.51
CA LEU A 35 7.66 4.07 -6.92
C LEU A 35 7.85 5.36 -7.74
N ASP A 36 6.79 5.78 -8.43
CA ASP A 36 6.81 7.00 -9.24
C ASP A 36 6.82 8.28 -8.37
N GLY A 37 6.67 8.13 -7.05
CA GLY A 37 6.56 9.28 -6.17
C GLY A 37 5.13 9.81 -6.06
N LYS A 38 4.16 8.95 -6.32
CA LYS A 38 2.74 9.32 -6.28
C LYS A 38 2.00 8.61 -5.13
N GLN A 39 1.58 9.38 -4.14
CA GLN A 39 0.89 8.82 -2.96
C GLN A 39 -0.63 8.78 -3.18
N THR A 40 -1.17 7.56 -3.33
CA THR A 40 -2.60 7.39 -3.60
C THR A 40 -3.32 6.73 -2.41
N ARG A 41 -4.66 6.83 -2.39
CA ARG A 41 -5.46 6.32 -1.27
C ARG A 41 -6.52 5.31 -1.75
N ILE A 42 -6.60 4.17 -1.06
CA ILE A 42 -7.55 3.11 -1.40
C ILE A 42 -8.25 2.57 -0.15
N ASN A 43 -9.48 2.06 -0.31
CA ASN A 43 -10.28 1.58 0.82
C ASN A 43 -9.66 0.31 1.47
N LYS A 44 -9.83 0.18 2.78
CA LYS A 44 -9.24 -0.94 3.54
C LYS A 44 -9.82 -2.31 3.14
N ASP A 45 -10.99 -2.33 2.51
CA ASP A 45 -11.64 -3.58 2.14
C ASP A 45 -11.00 -4.24 0.90
N GLN A 46 -10.12 -3.51 0.23
CA GLN A 46 -9.49 -3.99 -1.01
C GLN A 46 -8.17 -4.74 -0.76
N VAL A 47 -7.57 -4.55 0.42
CA VAL A 47 -6.25 -5.13 0.69
C VAL A 47 -6.29 -6.65 0.93
N ARG A 48 -5.62 -7.41 0.07
CA ARG A 48 -5.43 -8.85 0.27
C ARG A 48 -4.25 -9.13 1.20
N THR A 49 -3.06 -8.70 0.77
CA THR A 49 -1.81 -8.90 1.54
C THR A 49 -0.83 -7.73 1.31
N VAL A 50 -0.01 -7.44 2.32
CA VAL A 50 1.01 -6.38 2.24
C VAL A 50 2.40 -6.92 2.60
N LYS A 51 3.34 -6.87 1.66
CA LYS A 51 4.68 -7.43 1.87
C LYS A 51 5.80 -6.44 1.51
N ASP A 52 6.82 -6.37 2.35
CA ASP A 52 8.03 -5.59 2.06
C ASP A 52 8.81 -6.24 0.90
N LEU A 53 9.15 -5.45 -0.12
CA LEU A 53 9.94 -5.96 -1.27
C LEU A 53 11.31 -6.49 -0.83
N LEU A 54 11.73 -6.12 0.39
CA LEU A 54 12.97 -6.63 0.97
C LEU A 54 12.72 -7.95 1.71
N GLU A 55 12.74 -9.05 0.96
CA GLU A 55 12.48 -10.40 1.51
C GLU A 55 13.72 -11.32 1.39
N MET A 1 13.50 7.36 6.22
CA MET A 1 12.51 6.34 6.66
C MET A 1 11.60 5.93 5.49
N ALA A 2 12.11 5.05 4.63
CA ALA A 2 11.37 4.55 3.47
C ALA A 2 11.94 3.21 2.99
N SER A 3 11.07 2.33 2.49
CA SER A 3 11.47 1.01 2.00
C SER A 3 10.46 0.45 0.99
N PRO A 4 10.92 -0.23 -0.07
CA PRO A 4 10.04 -0.76 -1.13
C PRO A 4 9.04 -1.81 -0.62
N THR A 5 7.74 -1.50 -0.71
CA THR A 5 6.68 -2.40 -0.22
C THR A 5 5.58 -2.57 -1.28
N VAL A 6 5.15 -3.81 -1.51
CA VAL A 6 4.11 -4.11 -2.51
C VAL A 6 2.79 -4.54 -1.84
N ILE A 7 1.70 -3.86 -2.20
CA ILE A 7 0.38 -4.18 -1.64
C ILE A 7 -0.45 -5.04 -2.60
N THR A 8 -0.78 -6.26 -2.17
CA THR A 8 -1.63 -7.16 -2.94
C THR A 8 -3.11 -6.93 -2.62
N LEU A 9 -3.91 -6.65 -3.64
CA LEU A 9 -5.35 -6.36 -3.46
C LEU A 9 -6.21 -7.62 -3.58
N ASN A 10 -7.46 -7.51 -3.12
CA ASN A 10 -8.44 -8.61 -3.15
C ASN A 10 -8.61 -9.15 -4.59
N ASP A 11 -8.49 -8.26 -5.57
CA ASP A 11 -8.63 -8.62 -6.98
C ASP A 11 -7.39 -9.40 -7.50
N GLY A 12 -6.32 -9.41 -6.71
CA GLY A 12 -5.08 -10.06 -7.12
C GLY A 12 -4.03 -9.06 -7.61
N ARG A 13 -4.49 -7.90 -8.07
CA ARG A 13 -3.60 -6.83 -8.55
C ARG A 13 -2.68 -6.30 -7.44
N GLU A 14 -1.40 -6.12 -7.75
CA GLU A 14 -0.43 -5.61 -6.78
C GLU A 14 0.04 -4.19 -7.14
N ILE A 15 0.36 -3.40 -6.12
CA ILE A 15 0.88 -2.04 -6.31
C ILE A 15 2.21 -1.84 -5.56
N GLN A 16 3.24 -1.37 -6.27
CA GLN A 16 4.57 -1.17 -5.68
C GLN A 16 4.75 0.26 -5.14
N ALA A 17 5.10 0.38 -3.85
CA ALA A 17 5.34 1.67 -3.21
C ALA A 17 6.79 1.78 -2.71
N VAL A 18 7.27 3.03 -2.56
CA VAL A 18 8.64 3.27 -2.08
C VAL A 18 8.70 3.36 -0.54
N ASP A 19 7.54 3.40 0.11
CA ASP A 19 7.44 3.40 1.57
C ASP A 19 6.27 2.54 2.06
N THR A 20 6.25 2.25 3.36
CA THR A 20 5.24 1.36 3.95
C THR A 20 3.92 2.11 4.19
N PRO A 21 2.77 1.44 3.94
CA PRO A 21 1.45 2.09 4.03
C PRO A 21 1.00 2.40 5.47
N LYS A 22 0.23 3.47 5.61
CA LYS A 22 -0.37 3.86 6.89
C LYS A 22 -1.88 3.53 6.91
N TYR A 23 -2.35 2.94 8.01
CA TYR A 23 -3.78 2.59 8.12
C TYR A 23 -4.60 3.77 8.68
N ASP A 24 -5.61 4.19 7.90
CA ASP A 24 -6.50 5.28 8.30
C ASP A 24 -7.81 4.72 8.90
N GLU A 25 -7.98 4.87 10.21
CA GLU A 25 -9.17 4.36 10.89
C GLU A 25 -10.36 5.34 10.78
N GLU A 26 -10.07 6.58 10.36
CA GLU A 26 -11.12 7.59 10.19
C GLU A 26 -12.12 7.18 9.10
N SER A 27 -11.61 6.85 7.91
CA SER A 27 -12.47 6.42 6.80
C SER A 27 -12.15 5.00 6.34
N GLY A 28 -10.92 4.53 6.55
CA GLY A 28 -10.57 3.15 6.20
C GLY A 28 -9.53 3.02 5.07
N PHE A 29 -8.89 4.12 4.71
CA PHE A 29 -7.93 4.11 3.57
C PHE A 29 -6.48 3.81 4.02
N TYR A 30 -5.65 3.42 3.06
CA TYR A 30 -4.20 3.24 3.29
C TYR A 30 -3.40 4.32 2.56
N GLU A 31 -2.44 4.94 3.25
CA GLU A 31 -1.59 5.96 2.63
C GLU A 31 -0.23 5.36 2.23
N PHE A 32 0.09 5.41 0.93
CA PHE A 32 1.39 4.90 0.44
C PHE A 32 1.83 5.65 -0.82
N LYS A 33 3.14 5.85 -0.96
CA LYS A 33 3.69 6.57 -2.12
C LYS A 33 4.21 5.60 -3.19
N GLN A 34 3.54 5.57 -4.34
CA GLN A 34 3.96 4.71 -5.47
C GLN A 34 5.37 5.09 -5.98
N LEU A 35 5.98 4.17 -6.72
CA LEU A 35 7.35 4.35 -7.24
C LEU A 35 7.56 5.71 -7.93
N ASP A 36 6.54 6.15 -8.68
CA ASP A 36 6.62 7.41 -9.44
C ASP A 36 6.52 8.66 -8.53
N GLY A 37 6.59 8.45 -7.21
CA GLY A 37 6.45 9.56 -6.27
C GLY A 37 5.02 10.07 -6.18
N LYS A 38 4.07 9.14 -6.05
CA LYS A 38 2.65 9.48 -5.99
C LYS A 38 1.99 8.90 -4.72
N GLN A 39 1.72 9.76 -3.74
CA GLN A 39 1.05 9.32 -2.50
C GLN A 39 -0.45 9.11 -2.76
N THR A 40 -0.84 7.85 -2.93
CA THR A 40 -2.24 7.51 -3.23
C THR A 40 -2.88 6.71 -2.08
N ARG A 41 -4.19 6.60 -2.10
CA ARG A 41 -4.94 5.93 -1.03
C ARG A 41 -5.92 4.89 -1.59
N ILE A 42 -6.09 3.79 -0.86
CA ILE A 42 -7.05 2.75 -1.23
C ILE A 42 -7.79 2.20 0.01
N ASN A 43 -9.04 1.77 -0.17
CA ASN A 43 -9.90 1.40 0.97
C ASN A 43 -9.58 0.00 1.54
N LYS A 44 -9.89 -0.18 2.82
CA LYS A 44 -9.57 -1.40 3.58
C LYS A 44 -10.18 -2.68 2.97
N ASP A 45 -11.28 -2.55 2.23
CA ASP A 45 -11.95 -3.72 1.65
C ASP A 45 -11.26 -4.21 0.36
N GLN A 46 -10.33 -3.40 -0.16
CA GLN A 46 -9.60 -3.74 -1.38
C GLN A 46 -8.26 -4.43 -1.09
N VAL A 47 -7.75 -4.31 0.12
CA VAL A 47 -6.44 -4.88 0.46
C VAL A 47 -6.50 -6.37 0.85
N ARG A 48 -5.80 -7.21 0.09
CA ARG A 48 -5.67 -8.63 0.42
C ARG A 48 -4.55 -8.85 1.46
N THR A 49 -3.31 -8.58 1.04
CA THR A 49 -2.13 -8.74 1.92
C THR A 49 -1.05 -7.70 1.59
N VAL A 50 -0.45 -7.12 2.63
CA VAL A 50 0.64 -6.15 2.44
C VAL A 50 2.01 -6.85 2.56
N LYS A 51 2.71 -6.98 1.43
CA LYS A 51 4.00 -7.69 1.39
C LYS A 51 5.17 -6.72 1.19
N ASP A 52 6.29 -7.00 1.85
CA ASP A 52 7.51 -6.18 1.69
C ASP A 52 8.44 -6.78 0.62
N LEU A 53 9.27 -5.94 0.04
CA LEU A 53 10.23 -6.38 -0.98
C LEU A 53 11.62 -6.66 -0.37
N LEU A 54 11.77 -6.40 0.91
CA LEU A 54 13.05 -6.64 1.62
C LEU A 54 12.91 -7.77 2.66
N GLU A 55 13.08 -9.02 2.21
CA GLU A 55 13.03 -10.20 3.10
C GLU A 55 13.49 -11.50 2.40
N MET A 1 11.65 6.59 7.94
CA MET A 1 11.68 5.21 7.40
C MET A 1 11.14 5.15 5.96
N ALA A 2 11.84 4.42 5.10
CA ALA A 2 11.44 4.29 3.70
C ALA A 2 11.90 2.95 3.08
N SER A 3 11.02 1.96 3.11
CA SER A 3 11.32 0.64 2.55
C SER A 3 10.25 0.22 1.54
N PRO A 4 10.67 -0.26 0.34
CA PRO A 4 9.74 -0.66 -0.74
C PRO A 4 8.70 -1.71 -0.28
N THR A 5 7.42 -1.35 -0.35
CA THR A 5 6.33 -2.22 0.11
C THR A 5 5.28 -2.43 -0.97
N VAL A 6 4.95 -3.69 -1.27
CA VAL A 6 3.98 -4.02 -2.32
C VAL A 6 2.63 -4.48 -1.73
N ILE A 7 1.56 -3.82 -2.15
CA ILE A 7 0.20 -4.15 -1.68
C ILE A 7 -0.60 -4.90 -2.77
N THR A 8 -0.91 -6.17 -2.52
CA THR A 8 -1.75 -6.96 -3.43
C THR A 8 -3.23 -6.69 -3.14
N LEU A 9 -4.03 -6.48 -4.18
CA LEU A 9 -5.46 -6.17 -4.00
C LEU A 9 -6.34 -7.40 -4.25
N ASN A 10 -7.62 -7.28 -3.92
CA ASN A 10 -8.59 -8.38 -4.02
C ASN A 10 -8.60 -9.03 -5.42
N ASP A 11 -8.59 -8.21 -6.46
CA ASP A 11 -8.60 -8.70 -7.85
C ASP A 11 -7.27 -9.39 -8.21
N GLY A 12 -6.21 -9.06 -7.47
CA GLY A 12 -4.91 -9.65 -7.74
C GLY A 12 -3.83 -8.62 -8.06
N ARG A 13 -4.24 -7.44 -8.55
CA ARG A 13 -3.29 -6.39 -8.91
C ARG A 13 -2.39 -5.99 -7.74
N GLU A 14 -1.07 -5.96 -7.98
CA GLU A 14 -0.11 -5.55 -6.96
C GLU A 14 0.39 -4.12 -7.22
N ILE A 15 0.36 -3.29 -6.18
CA ILE A 15 0.86 -1.91 -6.28
C ILE A 15 2.10 -1.72 -5.39
N GLN A 16 3.22 -1.34 -6.00
CA GLN A 16 4.49 -1.21 -5.27
C GLN A 16 4.74 0.25 -4.83
N ALA A 17 5.01 0.43 -3.53
CA ALA A 17 5.26 1.75 -2.95
C ALA A 17 6.71 1.89 -2.45
N VAL A 18 7.20 3.13 -2.38
CA VAL A 18 8.57 3.40 -1.92
C VAL A 18 8.70 3.27 -0.40
N ASP A 19 7.61 3.53 0.32
CA ASP A 19 7.60 3.42 1.79
C ASP A 19 6.42 2.56 2.27
N THR A 20 6.37 2.30 3.58
CA THR A 20 5.34 1.43 4.16
C THR A 20 4.00 2.18 4.34
N PRO A 21 2.87 1.50 4.08
CA PRO A 21 1.54 2.14 4.10
C PRO A 21 1.06 2.54 5.51
N LYS A 22 0.46 3.71 5.61
CA LYS A 22 -0.14 4.19 6.86
C LYS A 22 -1.64 3.82 6.92
N TYR A 23 -2.08 3.23 8.02
CA TYR A 23 -3.50 2.89 8.16
C TYR A 23 -4.28 4.03 8.85
N ASP A 24 -5.20 4.63 8.10
CA ASP A 24 -6.06 5.70 8.64
C ASP A 24 -7.42 5.14 9.06
N GLU A 25 -7.62 5.00 10.38
CA GLU A 25 -8.85 4.43 10.92
C GLU A 25 -10.07 5.34 10.65
N GLU A 26 -9.84 6.64 10.61
CA GLU A 26 -10.92 7.63 10.45
C GLU A 26 -11.74 7.39 9.17
N SER A 27 -11.04 7.29 8.04
CA SER A 27 -11.69 7.05 6.74
C SER A 27 -11.55 5.60 6.28
N GLY A 28 -10.68 4.82 6.96
CA GLY A 28 -10.54 3.40 6.64
C GLY A 28 -9.59 3.12 5.48
N PHE A 29 -8.84 4.13 5.03
CA PHE A 29 -7.94 3.98 3.89
C PHE A 29 -6.49 3.72 4.30
N TYR A 30 -5.73 3.11 3.40
CA TYR A 30 -4.27 2.97 3.54
C TYR A 30 -3.55 4.01 2.68
N GLU A 31 -2.65 4.79 3.28
CA GLU A 31 -1.91 5.83 2.57
C GLU A 31 -0.50 5.35 2.19
N PHE A 32 -0.21 5.31 0.89
CA PHE A 32 1.09 4.83 0.40
C PHE A 32 1.57 5.61 -0.83
N LYS A 33 2.89 5.81 -0.92
CA LYS A 33 3.49 6.52 -2.06
C LYS A 33 4.07 5.52 -3.08
N GLN A 34 3.43 5.40 -4.24
CA GLN A 34 3.87 4.43 -5.27
C GLN A 34 5.31 4.72 -5.75
N LEU A 35 5.94 3.71 -6.35
CA LEU A 35 7.33 3.85 -6.86
C LEU A 35 7.48 5.02 -7.85
N ASP A 36 6.39 5.37 -8.54
CA ASP A 36 6.39 6.47 -9.51
C ASP A 36 6.32 7.85 -8.81
N GLY A 37 6.03 7.84 -7.52
CA GLY A 37 5.86 9.09 -6.78
C GLY A 37 4.41 9.40 -6.43
N LYS A 38 3.48 8.79 -7.19
CA LYS A 38 2.04 8.97 -6.96
C LYS A 38 1.61 8.44 -5.58
N GLN A 39 1.37 9.36 -4.64
CA GLN A 39 0.89 8.96 -3.30
C GLN A 39 -0.64 8.89 -3.28
N THR A 40 -1.19 7.71 -3.01
CA THR A 40 -2.64 7.50 -3.07
C THR A 40 -3.16 6.68 -1.88
N ARG A 41 -4.48 6.72 -1.70
CA ARG A 41 -5.15 5.94 -0.65
C ARG A 41 -5.99 4.82 -1.25
N ILE A 42 -6.23 3.76 -0.46
CA ILE A 42 -7.11 2.68 -0.91
C ILE A 42 -7.86 2.06 0.29
N ASN A 43 -9.11 1.64 0.08
CA ASN A 43 -9.96 1.19 1.18
C ASN A 43 -9.51 -0.16 1.76
N LYS A 44 -9.77 -0.35 3.06
CA LYS A 44 -9.30 -1.54 3.80
C LYS A 44 -9.88 -2.87 3.28
N ASP A 45 -10.93 -2.81 2.45
CA ASP A 45 -11.54 -4.03 1.92
C ASP A 45 -10.88 -4.47 0.58
N GLN A 46 -10.12 -3.56 -0.02
CA GLN A 46 -9.45 -3.84 -1.30
C GLN A 46 -8.14 -4.62 -1.09
N VAL A 47 -7.52 -4.42 0.07
CA VAL A 47 -6.20 -4.99 0.36
C VAL A 47 -6.27 -6.51 0.60
N ARG A 48 -5.65 -7.26 -0.30
CA ARG A 48 -5.54 -8.71 -0.18
C ARG A 48 -4.37 -9.09 0.76
N THR A 49 -3.16 -8.66 0.39
CA THR A 49 -1.95 -8.92 1.21
C THR A 49 -0.93 -7.78 1.12
N VAL A 50 -0.49 -7.27 2.27
CA VAL A 50 0.58 -6.27 2.31
C VAL A 50 1.94 -6.93 2.52
N LYS A 51 2.83 -6.79 1.55
CA LYS A 51 4.15 -7.45 1.60
C LYS A 51 5.31 -6.44 1.61
N ASP A 52 6.25 -6.65 2.52
CA ASP A 52 7.50 -5.89 2.52
C ASP A 52 8.49 -6.55 1.54
N LEU A 53 9.15 -5.75 0.70
CA LEU A 53 10.15 -6.30 -0.21
C LEU A 53 11.49 -6.54 0.50
N LEU A 54 11.56 -6.16 1.79
CA LEU A 54 12.77 -6.35 2.60
C LEU A 54 12.49 -7.23 3.84
N GLU A 55 11.48 -8.10 3.75
CA GLU A 55 11.11 -8.99 4.87
C GLU A 55 11.98 -10.26 4.91
N MET A 1 11.47 5.22 8.97
CA MET A 1 12.13 4.52 7.83
C MET A 1 11.12 4.11 6.76
N ALA A 2 11.59 3.94 5.53
CA ALA A 2 10.74 3.55 4.40
C ALA A 2 11.30 2.34 3.65
N SER A 3 10.49 1.30 3.49
CA SER A 3 10.91 0.09 2.77
C SER A 3 9.97 -0.18 1.59
N PRO A 4 10.50 -0.67 0.45
CA PRO A 4 9.66 -1.00 -0.72
C PRO A 4 8.63 -2.11 -0.40
N THR A 5 7.35 -1.76 -0.46
CA THR A 5 6.28 -2.69 -0.07
C THR A 5 5.28 -2.91 -1.23
N VAL A 6 4.98 -4.17 -1.52
CA VAL A 6 4.01 -4.51 -2.56
C VAL A 6 2.63 -4.83 -1.96
N ILE A 7 1.64 -4.02 -2.33
CA ILE A 7 0.26 -4.20 -1.84
C ILE A 7 -0.59 -4.99 -2.86
N THR A 8 -0.86 -6.26 -2.54
CA THR A 8 -1.71 -7.11 -3.39
C THR A 8 -3.19 -6.89 -3.05
N LEU A 9 -3.98 -6.49 -4.04
CA LEU A 9 -5.42 -6.29 -3.84
C LEU A 9 -6.20 -7.61 -4.03
N ASN A 10 -7.46 -7.63 -3.63
CA ASN A 10 -8.29 -8.85 -3.69
C ASN A 10 -8.33 -9.47 -5.09
N ASP A 11 -8.40 -8.63 -6.12
CA ASP A 11 -8.47 -9.12 -7.51
C ASP A 11 -7.12 -9.71 -7.97
N GLY A 12 -6.04 -9.28 -7.33
CA GLY A 12 -4.70 -9.73 -7.71
C GLY A 12 -3.79 -8.59 -8.17
N ARG A 13 -4.34 -7.38 -8.28
CA ARG A 13 -3.56 -6.21 -8.69
C ARG A 13 -2.53 -5.83 -7.63
N GLU A 14 -1.26 -5.72 -8.04
CA GLU A 14 -0.17 -5.38 -7.10
C GLU A 14 0.25 -3.91 -7.26
N ILE A 15 0.31 -3.20 -6.15
CA ILE A 15 0.76 -1.79 -6.14
C ILE A 15 1.97 -1.61 -5.22
N GLN A 16 3.12 -1.28 -5.82
CA GLN A 16 4.37 -1.16 -5.05
C GLN A 16 4.65 0.30 -4.62
N ALA A 17 4.93 0.48 -3.33
CA ALA A 17 5.22 1.82 -2.78
C ALA A 17 6.65 1.91 -2.21
N VAL A 18 7.15 3.13 -2.04
CA VAL A 18 8.49 3.36 -1.50
C VAL A 18 8.50 3.28 0.04
N ASP A 19 7.34 3.55 0.65
CA ASP A 19 7.18 3.49 2.10
C ASP A 19 6.08 2.49 2.51
N THR A 20 6.04 2.14 3.79
CA THR A 20 5.05 1.18 4.30
C THR A 20 3.69 1.86 4.53
N PRO A 21 2.60 1.30 3.97
CA PRO A 21 1.26 1.91 4.00
C PRO A 21 0.80 2.33 5.42
N LYS A 22 0.48 3.62 5.56
CA LYS A 22 -0.05 4.16 6.81
C LYS A 22 -1.58 4.00 6.86
N TYR A 23 -2.11 3.45 7.94
CA TYR A 23 -3.55 3.19 8.04
C TYR A 23 -4.34 4.44 8.45
N ASP A 24 -5.43 4.68 7.74
CA ASP A 24 -6.36 5.77 8.05
C ASP A 24 -7.57 5.24 8.85
N GLU A 25 -7.61 5.53 10.15
CA GLU A 25 -8.69 5.04 11.02
C GLU A 25 -10.00 5.82 10.79
N GLU A 26 -9.89 7.02 10.22
CA GLU A 26 -11.07 7.87 10.02
C GLU A 26 -12.02 7.29 8.96
N SER A 27 -11.50 7.02 7.76
CA SER A 27 -12.33 6.54 6.65
C SER A 27 -11.95 5.12 6.20
N GLY A 28 -10.88 4.56 6.75
CA GLY A 28 -10.53 3.17 6.45
C GLY A 28 -9.55 3.01 5.27
N PHE A 29 -8.93 4.10 4.85
CA PHE A 29 -8.00 4.07 3.70
C PHE A 29 -6.55 3.78 4.13
N TYR A 30 -5.68 3.57 3.14
CA TYR A 30 -4.23 3.46 3.37
C TYR A 30 -3.47 4.54 2.60
N GLU A 31 -2.55 5.24 3.28
CA GLU A 31 -1.69 6.24 2.64
C GLU A 31 -0.31 5.66 2.33
N PHE A 32 0.06 5.65 1.05
CA PHE A 32 1.36 5.13 0.62
C PHE A 32 1.82 5.84 -0.66
N LYS A 33 3.12 6.14 -0.75
CA LYS A 33 3.67 6.78 -1.95
C LYS A 33 4.21 5.72 -2.92
N GLN A 34 3.52 5.55 -4.05
CA GLN A 34 3.91 4.55 -5.06
C GLN A 34 5.31 4.86 -5.64
N LEU A 35 5.94 3.85 -6.23
CA LEU A 35 7.30 4.01 -6.79
C LEU A 35 7.39 5.16 -7.81
N ASP A 36 6.28 5.44 -8.49
CA ASP A 36 6.23 6.53 -9.48
C ASP A 36 6.20 7.92 -8.83
N GLY A 37 5.97 7.95 -7.52
CA GLY A 37 5.91 9.22 -6.78
C GLY A 37 4.51 9.59 -6.32
N LYS A 38 3.49 9.01 -6.96
CA LYS A 38 2.10 9.32 -6.62
C LYS A 38 1.65 8.65 -5.31
N GLN A 39 1.48 9.45 -4.25
CA GLN A 39 0.90 8.94 -3.00
C GLN A 39 -0.64 9.01 -3.06
N THR A 40 -1.28 7.86 -2.91
CA THR A 40 -2.74 7.77 -3.01
C THR A 40 -3.32 6.92 -1.88
N ARG A 41 -4.64 7.01 -1.70
CA ARG A 41 -5.33 6.25 -0.66
C ARG A 41 -6.23 5.16 -1.27
N ILE A 42 -6.23 3.97 -0.64
CA ILE A 42 -7.14 2.89 -1.04
C ILE A 42 -7.80 2.25 0.20
N ASN A 43 -9.04 1.81 0.04
CA ASN A 43 -9.83 1.28 1.18
C ASN A 43 -9.27 -0.07 1.68
N LYS A 44 -9.38 -0.28 2.99
CA LYS A 44 -8.85 -1.48 3.65
C LYS A 44 -9.51 -2.79 3.18
N ASP A 45 -10.69 -2.69 2.57
CA ASP A 45 -11.42 -3.88 2.12
C ASP A 45 -10.89 -4.40 0.77
N GLN A 46 -10.08 -3.59 0.09
CA GLN A 46 -9.51 -3.97 -1.21
C GLN A 46 -8.15 -4.65 -1.06
N VAL A 47 -7.42 -4.33 0.02
CA VAL A 47 -6.08 -4.89 0.23
C VAL A 47 -6.13 -6.34 0.73
N ARG A 48 -5.60 -7.26 -0.08
CA ARG A 48 -5.53 -8.68 0.28
C ARG A 48 -4.31 -8.97 1.18
N THR A 49 -3.11 -8.77 0.63
CA THR A 49 -1.86 -9.04 1.37
C THR A 49 -0.85 -7.90 1.23
N VAL A 50 -0.26 -7.49 2.35
CA VAL A 50 0.81 -6.48 2.35
C VAL A 50 2.18 -7.16 2.56
N LYS A 51 3.02 -7.17 1.52
CA LYS A 51 4.33 -7.83 1.59
C LYS A 51 5.48 -6.85 1.31
N ASP A 52 6.60 -7.05 1.97
CA ASP A 52 7.79 -6.21 1.74
C ASP A 52 8.73 -6.87 0.72
N LEU A 53 9.20 -6.09 -0.26
CA LEU A 53 10.08 -6.62 -1.31
C LEU A 53 11.45 -7.06 -0.75
N LEU A 54 11.79 -6.56 0.44
CA LEU A 54 13.04 -6.94 1.12
C LEU A 54 12.81 -8.07 2.14
N GLU A 55 11.90 -8.98 1.79
CA GLU A 55 11.55 -10.13 2.67
C GLU A 55 12.78 -11.00 3.06
#